data_8IEM
#
_entry.id   8IEM
#
_cell.length_a   1.00
_cell.length_b   1.00
_cell.length_c   1.00
_cell.angle_alpha   90.00
_cell.angle_beta   90.00
_cell.angle_gamma   90.00
#
_symmetry.space_group_name_H-M   'P 1'
#
loop_
_entity.id
_entity.type
_entity.pdbx_description
1 polymer 'Polyamine-transporting ATPase 13A2'
2 non-polymer SPERMINE
3 non-polymer 'MAGNESIUM ION'
4 non-polymer 'BERYLLIUM TRIFLUORIDE ION'
#
_entity_poly.entity_id   1
_entity_poly.type   'polypeptide(L)'
_entity_poly.pdbx_seq_one_letter_code
;RLSGYCGSPWRVIGYHVVVWMMAGIPLLLFRWKPLWGVRLRLRPCNLAHAETLVIEIRDKEDSSWQLFTVQVQTEAIGEG
SLEPSPQSQAEDGRSQAAVGAVPEGAWKDTAQLHKSEEAKRVLRYYLFQGQRYIWIETQQAFYQVSLLDHGRSCDDVHRS
RHGLSLQDQMVRKAIYGPNVISIPVKSYPQLLVDEALNPYYGFQAFSIALWLADHYYWYALCIFLISSISICLSLYKTRK
QSQTLRDMVKLSMRVCVCRPGGEEEWVDSSELVPGDCLVLPQEGGLMPCDAALVAGECMVNESSLTGESIPVLKTALPEG
LGPYCAETHRRHTLFCGTLILQARAYVGPHVLAVVTRTGFCTAKGGLVSSILHPRPINFKFYKHSMKFVAALSVLALLGT
IYSIFILYRNRVPLNEIVIRALDLVTVVVPPALPAAMTVCTLYAQSRLRRQGIFCIHPLRINLGGKLQLVCFDKTGTLTE
DGLDVMGVVPLKGQAFLPLVPEPRRLPVGPLLRALATCHALSRLQDTPVGDPMDLKMVESTGWVLEEEPAADSAFGTQVL
AVMRPPLWEPQLQAMEEPPVPVSVLHRFPFSSALQRMSVVVAWPGATQPEAYVKGSPELVAGLCNPETVPTDFAQMLQSY
TAAGYRVVALASKPLPTVPSLEAAQQLTRDTVEGDLSLLGLLVMRNLLKPQTTPVIQALRRTRIRAVMVTGDNLQTAVTV
ARGCGMVAPQEHLIIVHATHPERGQPASLEFLPMESPTAVNGVKDPDQAASYTVEPDPRSRHLALSGPTFGIIVKHFPKL
LPKVLVQGTVFARMAPEQKTELVCELQKLQYCVGMCGDGANDCGALKAADVGISLSQAEASVVSPFTSSMASIECVPMVI
REGRCSLDTSFSVFKYMALYSLTQFISVLILYTINTNLGDLQFLAIDLVITTTVAVLMSRTGPALVLGRVRPPGALLSVP
VLSSLLLQMVLVTGVQLGGYFLTLAQPWFVPLNRTVAAPDNLPNYENTVVFSLSSFQYLILAAAVSKGAPFRRPLYTNVP
FLVALALLSSVLVGLVLVPGLLQGPLALRNITDTGFKLLLLGLVTLNFVGAFMLESVLDQCLPACLRRLRPKRASKKRFK
QLERELAEQ
;
_entity_poly.pdbx_strand_id   P
#
loop_
_chem_comp.id
_chem_comp.type
_chem_comp.name
_chem_comp.formula
BEF non-polymer 'BERYLLIUM TRIFLUORIDE ION' 'Be F3 -1'
MG non-polymer 'MAGNESIUM ION' 'Mg 2'
SPM non-polymer SPERMINE 'C10 H26 N4'
#
# COMPACT_ATOMS: atom_id res chain seq x y z
N ARG A 1 -10.27 19.47 11.26
CA ARG A 1 -11.43 19.98 12.00
C ARG A 1 -10.99 20.57 13.34
N LEU A 2 -11.91 21.30 13.98
CA LEU A 2 -11.58 21.96 15.23
C LEU A 2 -11.45 20.95 16.37
N SER A 3 -10.70 21.35 17.39
CA SER A 3 -10.48 20.50 18.56
C SER A 3 -10.27 21.40 19.78
N GLY A 4 -10.86 21.00 20.91
CA GLY A 4 -10.74 21.75 22.14
C GLY A 4 -9.70 21.16 23.09
N TYR A 5 -9.23 22.01 23.99
CA TYR A 5 -8.20 21.63 24.95
C TYR A 5 -8.70 21.92 26.36
N CYS A 6 -8.19 21.13 27.31
CA CYS A 6 -8.51 21.31 28.72
C CYS A 6 -7.28 20.96 29.54
N GLY A 7 -7.24 21.48 30.77
CA GLY A 7 -6.10 21.26 31.63
C GLY A 7 -6.45 20.65 32.98
N SER A 8 -5.69 19.65 33.40
CA SER A 8 -5.89 18.99 34.67
C SER A 8 -4.62 18.25 35.11
N PRO A 9 -3.56 18.99 35.47
CA PRO A 9 -2.28 18.33 35.79
C PRO A 9 -2.35 17.43 37.03
N TRP A 10 -2.72 18.01 38.17
CA TRP A 10 -2.80 17.27 39.42
C TRP A 10 -3.48 18.14 40.47
N ARG A 11 -4.12 17.49 41.44
CA ARG A 11 -4.72 18.18 42.58
C ARG A 11 -3.85 18.10 43.81
N VAL A 12 -3.53 16.88 44.25
CA VAL A 12 -2.69 16.66 45.43
C VAL A 12 -2.23 15.21 45.39
N ILE A 13 -1.12 14.91 46.07
CA ILE A 13 -0.59 13.54 46.13
C ILE A 13 -1.29 12.88 47.31
N GLY A 14 -2.49 12.37 47.05
CA GLY A 14 -3.28 11.71 48.07
C GLY A 14 -3.66 10.28 47.74
N TYR A 15 -4.92 10.08 47.40
CA TYR A 15 -5.44 8.76 47.04
C TYR A 15 -5.03 8.32 45.65
N HIS A 16 -4.25 9.14 44.93
CA HIS A 16 -3.84 8.79 43.58
C HIS A 16 -2.96 7.54 43.55
N VAL A 17 -2.10 7.36 44.56
CA VAL A 17 -1.27 6.16 44.61
C VAL A 17 -2.14 4.92 44.76
N VAL A 18 -3.15 4.97 45.63
CA VAL A 18 -4.04 3.84 45.81
C VAL A 18 -4.85 3.58 44.54
N VAL A 19 -5.29 4.66 43.87
CA VAL A 19 -6.03 4.49 42.62
C VAL A 19 -5.17 3.80 41.57
N TRP A 20 -3.92 4.23 41.44
CA TRP A 20 -3.01 3.60 40.48
C TRP A 20 -2.74 2.15 40.84
N MET A 21 -2.53 1.84 42.11
CA MET A 21 -2.34 0.46 42.54
C MET A 21 -3.56 -0.40 42.31
N MET A 22 -4.76 0.10 42.62
CA MET A 22 -6.01 -0.62 42.42
C MET A 22 -6.32 -0.85 40.94
N ALA A 23 -6.21 0.20 40.12
CA ALA A 23 -6.59 0.15 38.71
C ALA A 23 -5.73 -0.79 37.87
N GLY A 24 -4.77 -1.48 38.48
CA GLY A 24 -3.93 -2.40 37.74
C GLY A 24 -4.68 -3.57 37.14
N ILE A 25 -5.67 -4.08 37.86
CA ILE A 25 -6.48 -5.21 37.40
C ILE A 25 -7.51 -4.78 36.36
N PRO A 26 -8.34 -3.73 36.60
CA PRO A 26 -9.44 -3.45 35.67
C PRO A 26 -9.04 -2.65 34.43
N LEU A 27 -7.76 -2.64 34.06
CA LEU A 27 -7.33 -1.86 32.90
C LEU A 27 -8.07 -2.26 31.63
N LEU A 28 -8.55 -3.50 31.55
CA LEU A 28 -9.26 -3.95 30.35
C LEU A 28 -10.51 -3.13 30.08
N LEU A 29 -11.27 -2.79 31.13
CA LEU A 29 -12.40 -1.87 30.99
C LEU A 29 -12.03 -0.42 31.23
N PHE A 30 -10.85 -0.17 31.82
CA PHE A 30 -10.40 1.19 32.06
C PHE A 30 -9.94 1.88 30.77
N ARG A 31 -9.37 1.11 29.83
CA ARG A 31 -8.87 1.71 28.60
C ARG A 31 -10.00 2.37 27.79
N TRP A 32 -11.15 1.70 27.69
CA TRP A 32 -12.26 2.24 26.94
C TRP A 32 -12.84 3.47 27.65
N LYS A 33 -13.23 4.47 26.85
CA LYS A 33 -13.68 5.77 27.34
C LYS A 33 -12.61 6.42 28.21
N PRO A 34 -11.49 6.86 27.64
CA PRO A 34 -10.46 7.52 28.45
C PRO A 34 -10.94 8.76 29.16
N LEU A 35 -11.89 9.50 28.57
CA LEU A 35 -12.37 10.74 29.18
C LEU A 35 -13.05 10.46 30.53
N TRP A 36 -13.93 9.45 30.57
CA TRP A 36 -14.58 9.10 31.81
C TRP A 36 -13.57 8.61 32.84
N GLY A 37 -12.58 7.83 32.40
CA GLY A 37 -11.57 7.33 33.33
C GLY A 37 -10.74 8.45 33.94
N VAL A 38 -10.33 9.42 33.12
CA VAL A 38 -9.53 10.53 33.65
C VAL A 38 -10.38 11.52 34.43
N ARG A 39 -11.69 11.58 34.19
CA ARG A 39 -12.56 12.45 34.98
C ARG A 39 -13.01 11.81 36.28
N LEU A 40 -12.98 10.49 36.39
CA LEU A 40 -13.38 9.82 37.62
C LEU A 40 -12.25 9.75 38.65
N ARG A 41 -11.02 10.07 38.26
CA ARG A 41 -9.87 10.03 39.16
C ARG A 41 -9.54 11.40 39.75
N LEU A 42 -9.40 12.42 38.91
CA LEU A 42 -9.08 13.76 39.37
C LEU A 42 -9.50 14.75 38.30
N ARG A 43 -9.81 15.97 38.74
CA ARG A 43 -10.25 17.01 37.81
C ARG A 43 -10.02 18.40 38.39
N PRO A 44 -8.79 18.89 38.42
CA PRO A 44 -8.55 20.29 38.84
C PRO A 44 -8.83 21.28 37.71
N CYS A 45 -10.11 21.62 37.55
CA CYS A 45 -10.53 22.49 36.47
C CYS A 45 -10.00 23.91 36.70
N ASN A 46 -9.38 24.46 35.65
CA ASN A 46 -8.83 25.81 35.71
C ASN A 46 -8.53 26.25 34.28
N LEU A 47 -7.94 27.43 34.15
CA LEU A 47 -7.54 27.96 32.85
C LEU A 47 -6.16 27.47 32.48
N ALA A 48 -5.94 27.30 31.18
CA ALA A 48 -4.69 26.74 30.65
C ALA A 48 -3.60 27.81 30.72
N HIS A 49 -2.86 27.81 31.83
CA HIS A 49 -1.73 28.72 32.00
C HIS A 49 -0.41 27.98 32.18
N ALA A 50 -0.36 26.99 33.07
CA ALA A 50 0.83 26.19 33.32
C ALA A 50 0.46 24.73 33.46
N GLU A 51 -0.42 24.24 32.60
CA GLU A 51 -0.93 22.89 32.68
C GLU A 51 -0.06 21.94 31.85
N THR A 52 0.38 20.85 32.48
CA THR A 52 1.21 19.85 31.83
C THR A 52 0.39 18.75 31.16
N LEU A 53 -0.63 18.25 31.84
CA LEU A 53 -1.48 17.20 31.28
C LEU A 53 -2.67 17.84 30.58
N VAL A 54 -2.83 17.52 29.29
CA VAL A 54 -3.92 18.05 28.49
C VAL A 54 -4.67 16.89 27.86
N ILE A 55 -5.97 17.08 27.64
CA ILE A 55 -6.85 16.06 27.09
C ILE A 55 -7.54 16.64 25.87
N GLU A 56 -7.55 15.87 24.78
CA GLU A 56 -8.23 16.27 23.55
C GLU A 56 -9.71 15.98 23.68
N ILE A 57 -10.54 17.03 23.48
CA ILE A 57 -11.97 16.89 23.68
C ILE A 57 -12.61 16.15 22.49
N ARG A 58 -13.82 15.66 22.71
CA ARG A 58 -14.57 14.91 21.72
C ARG A 58 -15.74 15.75 21.19
N ASP A 59 -15.54 17.07 21.12
CA ASP A 59 -16.62 17.95 20.65
C ASP A 59 -16.92 17.72 19.18
N LYS A 60 -15.88 17.74 18.33
CA LYS A 60 -16.04 17.50 16.90
C LYS A 60 -15.16 16.36 16.42
N GLU A 61 -13.91 16.30 16.86
CA GLU A 61 -12.99 15.23 16.49
C GLU A 61 -13.21 14.07 17.46
N ASP A 62 -13.80 13.00 16.95
CA ASP A 62 -14.22 11.87 17.78
C ASP A 62 -13.04 10.91 17.96
N SER A 63 -12.09 11.32 18.78
CA SER A 63 -10.94 10.49 19.14
C SER A 63 -10.33 11.04 20.41
N SER A 64 -9.37 10.29 20.97
CA SER A 64 -8.69 10.69 22.18
C SER A 64 -7.32 10.03 22.24
N TRP A 65 -6.34 10.76 22.79
CA TRP A 65 -5.01 10.21 23.02
C TRP A 65 -4.50 10.70 24.37
N GLN A 66 -3.21 10.50 24.59
CA GLN A 66 -2.53 10.97 25.78
C GLN A 66 -1.34 11.84 25.39
N LEU A 67 -1.09 12.88 26.19
CA LEU A 67 -0.02 13.83 25.90
C LEU A 67 0.85 14.02 27.14
N PHE A 68 2.15 14.16 26.91
CA PHE A 68 3.11 14.41 27.98
C PHE A 68 4.10 15.46 27.52
N THR A 69 4.20 16.55 28.27
CA THR A 69 5.09 17.65 27.94
C THR A 69 6.38 17.56 28.74
N VAL A 70 7.38 18.32 28.29
CA VAL A 70 8.69 18.36 28.93
C VAL A 70 9.06 19.82 29.16
N GLN A 71 9.63 20.10 30.34
CA GLN A 71 10.05 21.45 30.71
C GLN A 71 11.55 21.56 30.52
N VAL A 72 11.99 22.54 29.75
CA VAL A 72 13.41 22.76 29.49
C VAL A 72 13.82 24.16 29.90
N LEU A 123 10.25 27.75 28.39
CA LEU A 123 9.71 27.27 27.11
C LEU A 123 8.98 25.95 27.29
N ARG A 124 7.68 25.97 27.07
CA ARG A 124 6.83 24.79 27.20
C ARG A 124 6.49 24.26 25.82
N TYR A 125 6.78 22.99 25.58
CA TYR A 125 6.50 22.36 24.30
C TYR A 125 6.35 20.86 24.50
N TYR A 126 5.78 20.19 23.49
CA TYR A 126 5.57 18.75 23.54
C TYR A 126 5.55 18.22 22.12
N LEU A 127 5.48 16.90 21.99
CA LEU A 127 5.47 16.22 20.70
C LEU A 127 4.11 15.56 20.49
N PHE A 128 3.53 15.78 19.31
CA PHE A 128 2.23 15.20 18.98
C PHE A 128 2.21 14.95 17.48
N GLN A 129 2.43 13.69 17.08
CA GLN A 129 2.44 13.29 15.67
C GLN A 129 3.44 14.12 14.87
N GLY A 130 4.62 14.34 15.46
CA GLY A 130 5.68 15.10 14.82
C GLY A 130 5.56 16.61 14.95
N GLN A 131 4.33 17.13 14.84
CA GLN A 131 4.12 18.56 14.96
C GLN A 131 4.39 19.03 16.37
N ARG A 132 5.03 20.19 16.50
CA ARG A 132 5.38 20.77 17.79
C ARG A 132 4.62 22.08 17.99
N TYR A 133 4.06 22.25 19.18
CA TYR A 133 3.29 23.43 19.52
C TYR A 133 4.14 24.42 20.31
N ILE A 134 3.95 25.70 20.04
CA ILE A 134 4.73 26.76 20.68
C ILE A 134 3.82 27.49 21.65
N TRP A 135 4.33 27.68 22.87
CA TRP A 135 3.59 28.36 23.94
C TRP A 135 3.83 29.86 23.86
N ILE A 136 2.74 30.62 23.80
CA ILE A 136 2.78 32.08 23.75
C ILE A 136 1.96 32.62 24.92
N GLU A 137 2.55 33.55 25.67
CA GLU A 137 1.94 34.12 26.87
C GLU A 137 1.08 35.35 26.57
N THR A 138 1.07 35.83 25.32
CA THR A 138 0.37 37.06 25.00
C THR A 138 -1.13 36.96 25.30
N GLN A 139 -1.75 35.83 24.90
CA GLN A 139 -3.13 35.54 25.29
C GLN A 139 -3.30 34.13 25.82
N GLN A 140 -2.20 33.45 26.17
CA GLN A 140 -2.26 32.14 26.82
C GLN A 140 -2.98 31.10 25.96
N ALA A 141 -2.42 30.81 24.79
CA ALA A 141 -3.00 29.85 23.86
C ALA A 141 -1.89 29.14 23.10
N PHE A 142 -2.23 27.99 22.54
CA PHE A 142 -1.29 27.14 21.83
C PHE A 142 -1.50 27.24 20.32
N TYR A 143 -0.40 27.47 19.60
CA TYR A 143 -0.42 27.51 18.14
C TYR A 143 0.68 26.60 17.61
N GLN A 144 0.89 26.66 16.30
CA GLN A 144 1.96 25.93 15.64
C GLN A 144 3.09 26.89 15.28
N VAL A 145 4.10 26.37 14.58
CA VAL A 145 5.25 27.18 14.19
C VAL A 145 4.90 27.80 12.83
N SER A 146 4.16 28.91 12.91
CA SER A 146 3.77 29.64 11.70
C SER A 146 3.83 31.15 11.86
N LEU A 147 4.31 31.67 13.00
CA LEU A 147 4.32 33.11 13.21
C LEU A 147 5.49 33.78 12.48
N LEU A 148 6.72 33.35 12.77
CA LEU A 148 7.89 33.93 12.13
C LEU A 148 7.95 33.64 10.64
N ASP A 149 7.52 32.45 10.21
CA ASP A 149 7.55 32.11 8.79
C ASP A 149 6.63 32.98 7.96
N HIS A 150 5.45 33.31 8.47
CA HIS A 150 4.48 34.12 7.74
C HIS A 150 4.70 35.61 7.98
N GLY A 151 5.94 36.07 7.77
CA GLY A 151 6.27 37.47 7.93
C GLY A 151 6.15 38.26 6.64
N ARG A 152 4.91 38.46 6.17
CA ARG A 152 4.69 39.16 4.92
C ARG A 152 4.72 40.67 5.12
N SER A 153 5.79 41.17 5.73
CA SER A 153 5.96 42.61 5.94
C SER A 153 7.43 42.90 6.16
N CYS A 154 7.87 44.06 5.67
CA CYS A 154 9.25 44.53 5.81
C CYS A 154 10.23 43.50 5.22
N ASP A 155 10.13 43.35 3.91
CA ASP A 155 10.97 42.40 3.19
C ASP A 155 12.44 42.81 3.14
N ASP A 156 12.76 44.04 3.56
CA ASP A 156 14.15 44.49 3.53
C ASP A 156 15.01 43.66 4.48
N VAL A 157 14.49 43.35 5.68
CA VAL A 157 15.26 42.54 6.62
C VAL A 157 15.45 41.13 6.09
N HIS A 158 14.46 40.59 5.39
CA HIS A 158 14.61 39.28 4.75
C HIS A 158 15.67 39.32 3.66
N ARG A 159 15.70 40.39 2.86
CA ARG A 159 16.69 40.50 1.80
C ARG A 159 18.08 40.76 2.37
N SER A 160 18.18 41.30 3.58
CA SER A 160 19.47 41.60 4.19
C SER A 160 20.03 40.44 5.02
N ARG A 161 19.35 39.29 5.04
CA ARG A 161 19.84 38.14 5.80
C ARG A 161 21.13 37.63 5.19
N HIS A 162 22.23 37.75 5.92
CA HIS A 162 23.53 37.27 5.46
C HIS A 162 24.16 36.24 6.36
N GLY A 163 23.64 36.03 7.57
CA GLY A 163 24.17 35.02 8.47
C GLY A 163 24.34 35.52 9.89
N LEU A 164 24.29 34.60 10.84
CA LEU A 164 24.47 34.89 12.25
C LEU A 164 25.42 33.86 12.86
N SER A 165 26.10 34.25 13.94
CA SER A 165 27.12 33.41 14.55
C SER A 165 26.72 32.92 15.94
N LEU A 166 26.45 33.83 16.88
CA LEU A 166 26.16 33.40 18.25
C LEU A 166 25.08 34.23 18.95
N GLN A 167 24.43 35.17 18.26
CA GLN A 167 23.51 36.08 18.92
C GLN A 167 22.06 35.60 18.92
N ASP A 168 21.65 34.80 17.93
CA ASP A 168 20.28 34.32 17.83
C ASP A 168 20.27 32.84 17.49
N GLN A 169 21.08 32.06 18.20
CA GLN A 169 21.18 30.63 17.97
C GLN A 169 20.69 29.78 19.13
N MET A 170 20.96 30.18 20.37
CA MET A 170 20.56 29.36 21.52
C MET A 170 19.05 29.26 21.62
N VAL A 171 18.35 30.40 21.53
CA VAL A 171 16.89 30.39 21.65
C VAL A 171 16.27 29.64 20.48
N ARG A 172 16.80 29.83 19.27
CA ARG A 172 16.27 29.14 18.10
C ARG A 172 16.45 27.62 18.22
N LYS A 173 17.62 27.19 18.69
CA LYS A 173 17.83 25.76 18.90
C LYS A 173 16.94 25.23 20.01
N ALA A 174 16.67 26.04 21.03
CA ALA A 174 15.78 25.61 22.11
C ALA A 174 14.34 25.44 21.63
N ILE A 175 13.85 26.33 20.77
CA ILE A 175 12.45 26.26 20.35
C ILE A 175 12.27 25.24 19.23
N TYR A 176 13.10 25.35 18.18
CA TYR A 176 12.93 24.46 17.03
C TYR A 176 13.48 23.07 17.31
N GLY A 177 14.58 22.97 18.04
CA GLY A 177 15.16 21.69 18.37
C GLY A 177 15.84 21.04 17.18
N PRO A 178 16.27 19.80 17.35
CA PRO A 178 16.91 19.07 16.24
C PRO A 178 15.97 18.95 15.04
N ASN A 179 16.56 19.07 13.86
CA ASN A 179 15.83 18.97 12.61
C ASN A 179 15.88 17.57 11.99
N VAL A 180 16.49 16.61 12.69
CA VAL A 180 16.58 15.26 12.17
C VAL A 180 15.24 14.55 12.29
N ILE A 181 15.07 13.51 11.49
CA ILE A 181 13.85 12.70 11.47
C ILE A 181 14.22 11.31 11.99
N SER A 182 13.55 10.88 13.06
CA SER A 182 13.83 9.58 13.67
C SER A 182 12.56 9.03 14.31
N ILE A 183 12.28 7.76 14.04
CA ILE A 183 11.15 7.06 14.64
C ILE A 183 11.62 6.44 15.95
N PRO A 184 10.99 6.74 17.08
CA PRO A 184 11.48 6.23 18.36
C PRO A 184 11.30 4.72 18.48
N VAL A 185 12.19 4.10 19.25
CA VAL A 185 12.17 2.66 19.47
C VAL A 185 12.00 2.40 20.96
N LYS A 186 11.27 3.29 21.65
CA LYS A 186 11.12 3.19 23.10
C LYS A 186 10.47 1.87 23.52
N SER A 187 9.42 1.46 22.81
CA SER A 187 8.66 0.27 23.18
C SER A 187 9.30 -1.00 22.62
N TYR A 188 10.50 -1.34 23.10
CA TYR A 188 11.17 -2.53 22.59
C TYR A 188 10.58 -3.78 23.26
N PRO A 189 10.58 -3.91 24.62
CA PRO A 189 9.68 -4.89 25.24
C PRO A 189 8.21 -4.72 24.94
N GLN A 190 7.76 -3.47 24.88
CA GLN A 190 6.39 -3.09 25.18
C GLN A 190 5.40 -3.41 24.06
N LEU A 191 5.79 -4.22 23.08
CA LEU A 191 4.82 -4.67 22.09
C LEU A 191 3.72 -5.53 22.69
N LEU A 192 4.04 -6.33 23.72
CA LEU A 192 3.03 -7.15 24.37
C LEU A 192 1.93 -6.30 25.00
N VAL A 193 2.31 -5.19 25.63
CA VAL A 193 1.33 -4.30 26.25
C VAL A 193 0.76 -3.28 25.26
N ASP A 194 1.37 -3.16 24.08
CA ASP A 194 0.91 -2.17 23.11
C ASP A 194 -0.07 -2.76 22.09
N GLU A 195 0.35 -3.77 21.35
CA GLU A 195 -0.41 -4.27 20.21
C GLU A 195 -1.07 -5.62 20.47
N ALA A 196 -1.10 -6.09 21.72
CA ALA A 196 -1.73 -7.36 22.07
C ALA A 196 -2.90 -7.16 23.03
N LEU A 197 -3.71 -6.11 22.81
CA LEU A 197 -4.86 -5.81 23.65
C LEU A 197 -6.18 -6.07 22.92
N ASN A 198 -6.09 -7.11 22.08
CA ASN A 198 -7.25 -7.60 21.40
C ASN A 198 -7.81 -8.65 22.31
N PRO A 199 -8.98 -9.18 21.97
CA PRO A 199 -9.56 -10.12 22.89
C PRO A 199 -9.78 -11.45 22.24
N TYR A 200 -8.88 -11.85 21.37
CA TYR A 200 -8.76 -13.25 21.11
C TYR A 200 -7.59 -13.69 21.89
N TYR A 201 -7.01 -12.79 22.65
CA TYR A 201 -5.96 -13.33 23.50
C TYR A 201 -6.41 -13.45 24.95
N GLY A 202 -7.22 -12.50 25.42
CA GLY A 202 -7.77 -12.62 26.76
C GLY A 202 -8.66 -13.85 26.91
N PHE A 203 -9.52 -14.08 25.91
CA PHE A 203 -10.35 -15.28 25.94
C PHE A 203 -9.51 -16.55 25.85
N GLN A 204 -8.45 -16.52 25.04
CA GLN A 204 -7.56 -17.67 24.95
C GLN A 204 -6.91 -17.95 26.30
N ALA A 205 -6.42 -16.92 26.98
CA ALA A 205 -5.81 -17.09 28.29
C ALA A 205 -6.82 -17.59 29.32
N PHE A 206 -8.05 -17.08 29.27
CA PHE A 206 -9.09 -17.55 30.18
C PHE A 206 -9.40 -19.02 29.95
N SER A 207 -9.47 -19.44 28.68
CA SER A 207 -9.75 -20.84 28.38
C SER A 207 -8.55 -21.74 28.70
N ILE A 208 -7.34 -21.18 28.70
CA ILE A 208 -6.15 -21.97 29.00
C ILE A 208 -6.23 -22.52 30.43
N ALA A 209 -6.62 -21.67 31.38
CA ALA A 209 -6.74 -22.13 32.77
C ALA A 209 -7.83 -23.18 32.92
N LEU A 210 -8.97 -22.98 32.24
CA LEU A 210 -10.05 -23.95 32.32
C LEU A 210 -9.63 -25.30 31.75
N TRP A 211 -8.90 -25.29 30.64
CA TRP A 211 -8.40 -26.54 30.07
C TRP A 211 -7.33 -27.16 30.96
N LEU A 212 -6.50 -26.34 31.61
CA LEU A 212 -5.51 -26.86 32.54
C LEU A 212 -6.13 -27.40 33.81
N ALA A 213 -7.38 -27.04 34.11
CA ALA A 213 -8.07 -27.64 35.25
C ALA A 213 -8.20 -29.15 35.08
N ASP A 214 -8.51 -29.60 33.88
CA ASP A 214 -8.49 -31.02 33.54
C ASP A 214 -7.06 -31.43 33.23
N HIS A 215 -6.86 -32.65 32.72
CA HIS A 215 -5.52 -33.10 32.39
C HIS A 215 -5.00 -32.33 31.17
N TYR A 216 -5.63 -32.55 30.01
CA TYR A 216 -5.40 -31.80 28.78
C TYR A 216 -3.93 -31.44 28.58
N TYR A 217 -3.10 -32.48 28.54
CA TYR A 217 -1.65 -32.27 28.44
C TYR A 217 -1.21 -32.01 27.01
N TRP A 218 -1.43 -32.98 26.11
CA TRP A 218 -0.96 -32.84 24.73
C TRP A 218 -1.66 -31.70 24.00
N TYR A 219 -2.98 -31.55 24.17
CA TYR A 219 -3.71 -30.50 23.49
C TYR A 219 -3.23 -29.12 23.91
N ALA A 220 -3.11 -28.89 25.22
CA ALA A 220 -2.60 -27.61 25.71
C ALA A 220 -1.16 -27.36 25.29
N LEU A 221 -0.30 -28.37 25.35
CA LEU A 221 1.09 -28.25 24.92
C LEU A 221 1.20 -27.87 23.44
N CYS A 222 0.38 -28.47 22.58
CA CYS A 222 0.36 -28.12 21.17
C CYS A 222 -0.21 -26.73 20.91
N ILE A 223 -1.33 -26.39 21.56
CA ILE A 223 -1.97 -25.11 21.29
C ILE A 223 -1.16 -23.94 21.83
N PHE A 224 -0.43 -24.12 22.94
CA PHE A 224 0.42 -23.05 23.43
C PHE A 224 1.65 -22.87 22.56
N LEU A 225 2.24 -23.98 22.10
CA LEU A 225 3.38 -23.90 21.20
C LEU A 225 3.01 -23.23 19.89
N ILE A 226 1.83 -23.56 19.35
CA ILE A 226 1.36 -22.93 18.12
C ILE A 226 1.12 -21.44 18.31
N SER A 227 0.50 -21.04 19.42
CA SER A 227 0.17 -19.65 19.67
C SER A 227 1.37 -18.79 20.04
N SER A 228 2.40 -19.36 20.67
CA SER A 228 3.55 -18.57 21.08
C SER A 228 4.56 -18.33 19.98
N ILE A 229 4.39 -18.95 18.82
CA ILE A 229 5.32 -18.77 17.70
C ILE A 229 4.89 -17.62 16.80
N SER A 230 3.61 -17.58 16.44
CA SER A 230 3.12 -16.48 15.60
C SER A 230 3.21 -15.15 16.31
N ILE A 231 2.85 -15.11 17.60
CA ILE A 231 2.93 -13.86 18.35
C ILE A 231 4.37 -13.39 18.54
N CYS A 232 5.32 -14.31 18.60
CA CYS A 232 6.74 -13.95 18.68
C CYS A 232 7.28 -13.47 17.34
N LEU A 233 6.85 -14.10 16.24
CA LEU A 233 7.30 -13.68 14.92
C LEU A 233 6.71 -12.32 14.53
N SER A 234 5.49 -12.04 15.00
CA SER A 234 4.86 -10.76 14.69
C SER A 234 5.65 -9.60 15.28
N LEU A 235 6.19 -9.79 16.49
CA LEU A 235 7.01 -8.74 17.11
C LEU A 235 8.23 -8.43 16.26
N TYR A 236 8.94 -9.47 15.81
CA TYR A 236 10.11 -9.26 14.97
C TYR A 236 9.74 -8.61 13.65
N LYS A 237 8.63 -9.06 13.04
CA LYS A 237 8.20 -8.47 11.78
C LYS A 237 7.86 -6.99 11.93
N THR A 238 7.15 -6.62 12.99
CA THR A 238 6.83 -5.21 13.24
C THR A 238 8.09 -4.40 13.52
N ARG A 239 9.00 -4.93 14.35
CA ARG A 239 10.19 -4.18 14.74
C ARG A 239 11.18 -4.00 13.59
N LYS A 240 11.29 -4.97 12.69
CA LYS A 240 12.21 -4.83 11.57
C LYS A 240 11.82 -3.68 10.67
N GLN A 241 10.52 -3.49 10.45
CA GLN A 241 10.05 -2.38 9.63
C GLN A 241 10.46 -1.05 10.23
N SER A 242 10.24 -0.87 11.53
CA SER A 242 10.61 0.37 12.20
C SER A 242 12.12 0.58 12.18
N GLN A 243 12.88 -0.50 12.40
CA GLN A 243 14.34 -0.38 12.42
C GLN A 243 14.87 0.03 11.05
N THR A 244 14.37 -0.60 9.99
CA THR A 244 14.85 -0.25 8.65
C THR A 244 14.36 1.12 8.21
N LEU A 245 13.19 1.55 8.70
CA LEU A 245 12.74 2.91 8.43
C LEU A 245 13.64 3.93 9.14
N ARG A 246 14.03 3.63 10.38
CA ARG A 246 14.94 4.53 11.10
C ARG A 246 16.30 4.61 10.41
N ASP A 247 16.83 3.47 9.97
CA ASP A 247 18.10 3.50 9.25
C ASP A 247 17.99 4.22 7.92
N MET A 248 16.91 4.00 7.17
CA MET A 248 16.78 4.63 5.85
C MET A 248 16.57 6.13 5.97
N VAL A 249 15.77 6.58 6.93
CA VAL A 249 15.51 8.01 7.13
C VAL A 249 16.60 8.52 8.09
N LYS A 250 17.73 8.89 7.53
CA LYS A 250 18.84 9.42 8.32
C LYS A 250 19.75 10.22 7.40
N LEU A 251 20.24 11.35 7.92
CA LEU A 251 21.15 12.21 7.17
C LEU A 251 22.01 12.97 8.15
N SER A 252 23.29 12.58 8.25
CA SER A 252 24.24 13.23 9.16
C SER A 252 25.49 13.57 8.36
N MET A 253 25.69 14.85 8.07
CA MET A 253 26.83 15.32 7.31
C MET A 253 27.20 16.72 7.76
N ARG A 254 28.44 17.10 7.48
CA ARG A 254 28.94 18.41 7.87
C ARG A 254 28.76 19.38 6.71
N VAL A 255 27.97 20.43 6.93
CA VAL A 255 27.71 21.46 5.92
C VAL A 255 28.22 22.79 6.45
N CYS A 256 29.03 23.48 5.65
CA CYS A 256 29.58 24.76 6.06
C CYS A 256 28.49 25.82 6.12
N VAL A 257 28.64 26.74 7.07
CA VAL A 257 27.72 27.85 7.25
C VAL A 257 28.53 29.14 7.29
N CYS A 258 28.23 30.06 6.39
CA CYS A 258 28.94 31.34 6.36
C CYS A 258 28.53 32.21 7.53
N ARG A 259 29.48 33.03 7.99
CA ARG A 259 29.26 33.93 9.10
C ARG A 259 29.69 35.34 8.73
N PRO A 260 29.04 36.36 9.29
CA PRO A 260 29.44 37.74 8.99
C PRO A 260 30.84 38.05 9.52
N GLY A 261 31.53 38.94 8.82
CA GLY A 261 32.87 39.35 9.19
C GLY A 261 33.98 38.53 8.55
N GLY A 262 33.64 37.44 7.85
CA GLY A 262 34.64 36.64 7.18
C GLY A 262 35.09 35.44 7.98
N GLU A 263 34.15 34.73 8.58
CA GLU A 263 34.43 33.54 9.37
C GLU A 263 33.77 32.34 8.71
N GLU A 264 34.56 31.31 8.42
CA GLU A 264 34.07 30.09 7.79
C GLU A 264 34.55 28.89 8.59
N GLU A 265 33.65 27.93 8.81
CA GLU A 265 33.99 26.72 9.56
C GLU A 265 33.01 25.63 9.17
N TRP A 266 33.35 24.40 9.55
CA TRP A 266 32.53 23.23 9.26
C TRP A 266 31.69 22.90 10.48
N VAL A 267 30.37 22.85 10.30
CA VAL A 267 29.43 22.52 11.35
C VAL A 267 28.54 21.38 10.89
N ASP A 268 27.95 20.69 11.87
CA ASP A 268 27.08 19.56 11.57
C ASP A 268 25.71 20.04 11.13
N SER A 269 24.98 19.14 10.46
CA SER A 269 23.64 19.44 9.99
C SER A 269 22.59 19.34 11.09
N SER A 270 22.95 18.78 12.26
CA SER A 270 21.99 18.70 13.36
C SER A 270 21.61 20.08 13.87
N GLU A 271 22.57 21.00 13.98
CA GLU A 271 22.28 22.37 14.40
C GLU A 271 21.91 23.21 13.19
N LEU A 272 20.63 23.18 12.86
CA LEU A 272 20.07 23.91 11.72
C LEU A 272 18.68 24.41 12.10
N VAL A 273 18.48 25.72 12.01
CA VAL A 273 17.19 26.33 12.32
C VAL A 273 16.80 27.27 11.19
N PRO A 274 15.52 27.51 10.96
CA PRO A 274 15.12 28.46 9.91
C PRO A 274 15.62 29.87 10.23
N GLY A 275 15.94 30.62 9.17
CA GLY A 275 16.44 31.96 9.29
C GLY A 275 17.93 32.11 9.07
N ASP A 276 18.67 31.00 8.96
CA ASP A 276 20.09 31.05 8.72
C ASP A 276 20.41 30.97 7.23
N CYS A 277 21.69 31.20 6.90
CA CYS A 277 22.16 31.18 5.53
C CYS A 277 23.05 29.96 5.31
N LEU A 278 22.79 29.22 4.24
CA LEU A 278 23.53 28.02 3.90
C LEU A 278 24.27 28.25 2.59
N VAL A 279 25.53 27.80 2.54
CA VAL A 279 26.37 27.98 1.37
C VAL A 279 26.34 26.70 0.53
N LEU A 280 26.36 26.89 -0.79
CA LEU A 280 26.33 25.77 -1.73
C LEU A 280 27.70 25.54 -2.33
N PRO A 281 28.30 24.38 -2.13
CA PRO A 281 29.61 24.10 -2.72
C PRO A 281 29.53 23.97 -4.23
N GLN A 282 30.67 24.19 -4.88
CA GLN A 282 30.72 24.11 -6.34
C GLN A 282 30.41 22.70 -6.82
N GLU A 283 30.96 21.68 -6.17
CA GLU A 283 30.67 20.31 -6.56
C GLU A 283 29.21 19.95 -6.35
N GLY A 284 28.63 20.37 -5.22
CA GLY A 284 27.25 20.09 -4.93
C GLY A 284 27.04 18.74 -4.25
N GLY A 285 26.29 18.74 -3.15
CA GLY A 285 26.04 17.51 -2.42
C GLY A 285 24.55 17.21 -2.29
N LEU A 286 24.07 17.14 -1.05
CA LEU A 286 22.67 16.86 -0.76
C LEU A 286 22.09 18.02 0.04
N MET A 287 20.78 18.21 -0.05
CA MET A 287 20.13 19.32 0.65
C MET A 287 19.39 18.78 1.87
N PRO A 288 19.83 19.07 3.09
CA PRO A 288 19.15 18.54 4.28
C PRO A 288 17.92 19.33 4.71
N CYS A 289 17.73 20.53 4.18
CA CYS A 289 16.60 21.38 4.57
C CYS A 289 16.07 22.13 3.37
N ASP A 290 14.83 22.58 3.47
CA ASP A 290 14.17 23.33 2.40
C ASP A 290 14.68 24.77 2.49
N ALA A 291 15.68 25.06 1.66
CA ALA A 291 16.26 26.40 1.61
C ALA A 291 15.78 27.12 0.36
N ALA A 292 16.29 28.34 0.16
CA ALA A 292 15.92 29.15 -1.00
C ALA A 292 17.12 29.96 -1.43
N LEU A 293 17.36 30.01 -2.74
CA LEU A 293 18.46 30.80 -3.27
C LEU A 293 18.19 32.29 -3.09
N VAL A 294 19.26 33.05 -2.83
CA VAL A 294 19.15 34.48 -2.61
C VAL A 294 19.94 35.22 -3.68
N ALA A 295 20.95 34.55 -4.25
CA ALA A 295 21.78 35.16 -5.28
C ALA A 295 22.35 34.07 -6.17
N GLY A 296 22.76 34.47 -7.37
CA GLY A 296 23.36 33.54 -8.31
C GLY A 296 22.33 32.72 -9.06
N GLU A 297 22.83 31.91 -9.98
CA GLU A 297 22.00 31.02 -10.79
C GLU A 297 22.46 29.58 -10.58
N CYS A 298 21.49 28.69 -10.36
CA CYS A 298 21.77 27.28 -10.13
C CYS A 298 20.81 26.45 -10.99
N MET A 299 21.21 25.21 -11.25
CA MET A 299 20.44 24.30 -12.07
C MET A 299 20.27 22.98 -11.35
N VAL A 300 19.04 22.49 -11.27
CA VAL A 300 18.74 21.26 -10.54
C VAL A 300 17.58 20.55 -11.24
N ASN A 301 17.47 19.25 -11.00
CA ASN A 301 16.42 18.42 -11.57
C ASN A 301 15.61 17.77 -10.46
N GLU A 302 14.30 17.65 -10.70
CA GLU A 302 13.38 17.07 -9.73
C GLU A 302 13.22 15.57 -10.03
N SER A 303 14.32 14.85 -9.87
CA SER A 303 14.30 13.41 -10.10
C SER A 303 13.42 12.69 -9.09
N SER A 304 13.51 13.07 -7.82
CA SER A 304 12.75 12.42 -6.76
C SER A 304 11.48 13.17 -6.38
N LEU A 305 11.17 14.28 -7.06
CA LEU A 305 9.98 15.07 -6.77
C LEU A 305 8.88 14.89 -7.80
N THR A 306 9.23 14.74 -9.08
CA THR A 306 8.24 14.52 -10.12
C THR A 306 8.58 13.37 -11.06
N GLY A 307 9.66 12.66 -10.80
CA GLY A 307 10.05 11.52 -11.64
C GLY A 307 10.99 11.84 -12.79
N GLU A 308 10.58 12.76 -13.66
CA GLU A 308 11.41 13.14 -14.81
C GLU A 308 12.64 13.89 -14.34
N SER A 309 13.78 13.58 -14.95
CA SER A 309 15.04 14.25 -14.64
C SER A 309 15.26 15.36 -15.66
N ILE A 310 14.34 16.32 -15.64
CA ILE A 310 14.36 17.47 -16.54
C ILE A 310 14.80 18.69 -15.73
N PRO A 311 15.97 19.26 -15.98
CA PRO A 311 16.40 20.43 -15.22
C PRO A 311 15.52 21.64 -15.50
N VAL A 312 15.40 22.51 -14.50
CA VAL A 312 14.54 23.69 -14.58
C VAL A 312 15.29 24.88 -14.00
N LEU A 313 15.13 26.04 -14.65
CA LEU A 313 15.78 27.25 -14.21
C LEU A 313 15.25 27.68 -12.83
N LYS A 314 16.08 28.44 -12.12
CA LYS A 314 15.76 28.84 -10.76
C LYS A 314 15.08 30.21 -10.75
N THR A 315 14.92 30.79 -9.57
CA THR A 315 14.21 32.05 -9.41
C THR A 315 15.09 33.22 -9.86
N ALA A 316 14.63 34.44 -9.65
CA ALA A 316 15.30 35.65 -10.09
C ALA A 316 15.55 36.58 -8.91
N LEU A 317 16.41 37.56 -9.15
CA LEU A 317 16.80 38.55 -8.15
C LEU A 317 15.74 39.63 -7.92
N PRO A 318 15.05 40.14 -8.94
CA PRO A 318 14.02 41.16 -8.68
C PRO A 318 12.96 40.68 -7.70
N GLU A 319 12.42 41.63 -6.94
CA GLU A 319 11.48 41.33 -5.87
C GLU A 319 10.36 42.37 -5.92
N GLY A 320 9.57 42.43 -4.85
CA GLY A 320 8.43 43.33 -4.78
C GLY A 320 7.26 42.70 -4.06
N LEU A 321 7.21 41.38 -4.06
CA LEU A 321 6.20 40.64 -3.32
C LEU A 321 6.76 40.33 -1.92
N GLY A 322 6.10 39.43 -1.19
CA GLY A 322 6.54 39.05 0.12
C GLY A 322 7.85 38.29 0.10
N PRO A 323 8.39 37.99 1.29
CA PRO A 323 9.71 37.34 1.36
C PRO A 323 9.79 36.01 0.61
N TYR A 324 8.92 35.06 0.98
CA TYR A 324 8.93 33.74 0.37
C TYR A 324 7.66 33.45 -0.43
N CYS A 325 6.50 33.56 0.20
CA CYS A 325 5.21 33.25 -0.42
C CYS A 325 5.22 31.84 -1.02
N ALA A 326 5.50 30.86 -0.17
CA ALA A 326 5.57 29.47 -0.59
C ALA A 326 4.24 28.94 -1.13
N GLU A 327 3.11 29.49 -0.68
CA GLU A 327 1.81 29.05 -1.17
C GLU A 327 1.49 29.54 -2.57
N THR A 328 2.07 30.67 -3.00
CA THR A 328 1.80 31.22 -4.31
C THR A 328 3.00 31.12 -5.25
N HIS A 329 4.09 30.51 -4.81
CA HIS A 329 5.29 30.37 -5.63
C HIS A 329 5.67 28.90 -5.73
N ARG A 330 5.93 28.44 -6.95
CA ARG A 330 6.37 27.08 -7.23
C ARG A 330 7.78 27.01 -7.77
N ARG A 331 8.10 27.78 -8.80
CA ARG A 331 9.47 27.81 -9.32
C ARG A 331 10.43 28.42 -8.31
N HIS A 332 9.99 29.46 -7.59
CA HIS A 332 10.86 30.11 -6.63
C HIS A 332 11.22 29.19 -5.47
N THR A 333 10.33 28.27 -5.10
CA THR A 333 10.57 27.36 -4.00
C THR A 333 11.57 26.28 -4.43
N LEU A 334 12.64 26.14 -3.66
CA LEU A 334 13.69 25.15 -3.94
C LEU A 334 13.45 23.94 -3.03
N PHE A 335 12.96 22.86 -3.61
CA PHE A 335 12.70 21.65 -2.85
C PHE A 335 13.99 20.97 -2.43
N CYS A 336 13.94 20.31 -1.29
CA CYS A 336 15.08 19.59 -0.74
C CYS A 336 14.97 18.10 -1.08
N GLY A 337 15.99 17.34 -0.70
CA GLY A 337 16.01 15.92 -0.98
C GLY A 337 16.25 15.56 -2.42
N THR A 338 16.85 16.46 -3.20
CA THR A 338 17.11 16.22 -4.61
C THR A 338 18.60 16.36 -4.88
N LEU A 339 19.06 15.68 -5.92
CA LEU A 339 20.46 15.72 -6.32
C LEU A 339 20.72 16.93 -7.21
N ILE A 340 21.80 17.64 -6.90
CA ILE A 340 22.19 18.84 -7.63
C ILE A 340 23.30 18.46 -8.62
N LEU A 341 23.12 18.84 -9.88
CA LEU A 341 24.07 18.48 -10.93
C LEU A 341 25.23 19.47 -11.01
N GLN A 342 24.93 20.75 -11.23
CA GLN A 342 25.97 21.76 -11.38
C GLN A 342 25.39 23.12 -11.06
N ALA A 343 26.17 23.95 -10.37
CA ALA A 343 25.77 25.30 -10.00
C ALA A 343 26.71 26.30 -10.65
N ARG A 344 26.17 27.49 -10.94
CA ARG A 344 26.91 28.56 -11.59
C ARG A 344 27.18 29.68 -10.59
N ALA A 345 28.38 30.24 -10.64
CA ALA A 345 28.76 31.34 -9.77
C ALA A 345 28.13 32.64 -10.26
N TYR A 346 28.46 33.73 -9.57
CA TYR A 346 27.93 35.05 -9.90
C TYR A 346 29.02 36.09 -9.64
N VAL A 347 28.63 37.37 -9.65
CA VAL A 347 29.59 38.43 -9.39
C VAL A 347 30.06 38.42 -7.94
N GLY A 348 29.31 37.80 -7.04
CA GLY A 348 29.70 37.71 -5.66
C GLY A 348 30.79 36.69 -5.43
N PRO A 349 31.36 36.71 -4.23
CA PRO A 349 32.44 35.74 -3.91
C PRO A 349 31.97 34.29 -4.01
N HIS A 350 30.73 34.01 -3.62
CA HIS A 350 30.21 32.64 -3.65
C HIS A 350 28.69 32.71 -3.66
N VAL A 351 28.07 31.58 -4.02
CA VAL A 351 26.62 31.47 -4.04
C VAL A 351 26.11 31.16 -2.64
N LEU A 352 25.07 31.86 -2.22
CA LEU A 352 24.49 31.69 -0.90
C LEU A 352 23.02 31.33 -1.02
N ALA A 353 22.51 30.64 0.01
CA ALA A 353 21.12 30.25 0.07
C ALA A 353 20.57 30.59 1.44
N VAL A 354 19.25 30.82 1.50
CA VAL A 354 18.57 31.21 2.72
C VAL A 354 17.53 30.15 3.06
N VAL A 355 17.58 29.66 4.30
CA VAL A 355 16.62 28.66 4.77
C VAL A 355 15.48 29.38 5.46
N THR A 356 14.26 29.16 4.96
CA THR A 356 13.07 29.81 5.51
C THR A 356 12.13 28.86 6.24
N ARG A 357 12.17 27.57 5.92
CA ARG A 357 11.28 26.60 6.56
C ARG A 357 11.90 25.22 6.48
N THR A 358 11.90 24.50 7.60
CA THR A 358 12.44 23.15 7.66
C THR A 358 11.70 22.37 8.73
N GLY A 359 11.75 21.04 8.60
CA GLY A 359 11.10 20.18 9.56
C GLY A 359 10.25 19.10 8.90
N PHE A 360 9.16 18.73 9.55
CA PHE A 360 8.25 17.71 9.03
C PHE A 360 7.20 18.28 8.09
N CYS A 361 7.14 19.59 7.94
CA CYS A 361 6.17 20.23 7.06
C CYS A 361 6.62 20.24 5.60
N THR A 362 7.89 19.95 5.33
CA THR A 362 8.39 19.97 3.96
C THR A 362 7.98 18.69 3.24
N ALA A 363 8.46 18.56 1.99
CA ALA A 363 8.15 17.37 1.19
C ALA A 363 8.75 16.12 1.78
N LYS A 364 9.98 16.20 2.31
CA LYS A 364 10.63 15.03 2.90
C LYS A 364 9.87 14.55 4.13
N GLY A 365 9.45 15.48 4.99
CA GLY A 365 8.71 15.12 6.18
C GLY A 365 7.24 14.88 5.99
N GLY A 366 6.67 15.35 4.88
CA GLY A 366 5.25 15.14 4.63
C GLY A 366 4.90 13.67 4.49
N LEU A 367 5.71 12.93 3.72
CA LEU A 367 5.48 11.50 3.58
C LEU A 367 5.64 10.77 4.90
N VAL A 368 6.65 11.14 5.70
CA VAL A 368 6.85 10.50 6.99
C VAL A 368 5.66 10.75 7.91
N SER A 369 5.15 11.98 7.91
CA SER A 369 3.96 12.28 8.71
C SER A 369 2.74 11.52 8.22
N SER A 370 2.58 11.40 6.89
CA SER A 370 1.45 10.67 6.33
C SER A 370 1.49 9.19 6.69
N ILE A 371 2.68 8.58 6.65
CA ILE A 371 2.82 7.17 6.99
C ILE A 371 2.44 6.86 8.44
N LEU A 372 2.89 7.67 9.39
CA LEU A 372 2.67 7.40 10.81
C LEU A 372 1.32 7.92 11.30
N HIS A 373 0.40 8.24 10.38
CA HIS A 373 -0.90 8.73 10.80
C HIS A 373 -1.93 7.60 10.80
N PRO A 374 -2.85 7.58 11.76
CA PRO A 374 -3.87 6.54 11.79
C PRO A 374 -4.92 6.73 10.70
N ARG A 375 -5.44 5.61 10.22
CA ARG A 375 -6.49 5.66 9.21
C ARG A 375 -7.83 6.04 9.85
N PRO A 376 -8.69 6.77 9.13
CA PRO A 376 -10.01 7.15 9.64
C PRO A 376 -10.92 5.96 9.90
N LYS A 380 -12.05 -4.36 5.11
CA LYS A 380 -12.91 -5.41 5.63
C LYS A 380 -12.13 -6.39 6.50
N PHE A 381 -12.62 -7.62 6.58
CA PHE A 381 -12.01 -8.71 7.35
C PHE A 381 -11.93 -8.42 8.84
N TYR A 382 -12.63 -7.40 9.32
CA TYR A 382 -12.62 -7.06 10.75
C TYR A 382 -14.00 -6.77 11.32
N LYS A 383 -15.01 -6.52 10.49
CA LYS A 383 -16.36 -6.22 10.97
C LYS A 383 -17.31 -7.41 10.85
N HIS A 384 -16.80 -8.56 10.41
CA HIS A 384 -17.63 -9.76 10.25
C HIS A 384 -17.61 -10.66 11.47
N SER A 385 -16.87 -10.30 12.52
CA SER A 385 -16.80 -11.12 13.72
C SER A 385 -17.87 -10.74 14.74
N MET A 386 -18.33 -9.50 14.73
CA MET A 386 -19.36 -9.09 15.69
C MET A 386 -20.66 -9.87 15.47
N LYS A 387 -21.05 -10.06 14.20
CA LYS A 387 -22.25 -10.85 13.92
C LYS A 387 -22.09 -12.29 14.39
N PHE A 388 -20.91 -12.88 14.17
CA PHE A 388 -20.69 -14.26 14.59
C PHE A 388 -20.73 -14.39 16.12
N VAL A 389 -20.10 -13.46 16.84
CA VAL A 389 -20.10 -13.56 18.29
C VAL A 389 -21.50 -13.31 18.85
N ALA A 390 -22.24 -12.38 18.24
CA ALA A 390 -23.62 -12.17 18.67
C ALA A 390 -24.47 -13.41 18.43
N ALA A 391 -24.30 -14.06 17.27
CA ALA A 391 -25.06 -15.26 16.96
C ALA A 391 -24.73 -16.38 17.94
N LEU A 392 -23.45 -16.60 18.23
CA LEU A 392 -23.09 -17.65 19.17
C LEU A 392 -23.58 -17.34 20.58
N SER A 393 -23.55 -16.06 20.99
CA SER A 393 -24.05 -15.70 22.31
C SER A 393 -25.56 -15.94 22.40
N VAL A 394 -26.32 -15.53 21.38
CA VAL A 394 -27.76 -15.72 21.44
C VAL A 394 -28.16 -17.18 21.25
N LEU A 395 -27.28 -18.00 20.66
CA LEU A 395 -27.55 -19.43 20.54
C LEU A 395 -27.14 -20.20 21.78
N ALA A 396 -26.17 -19.70 22.55
CA ALA A 396 -25.67 -20.40 23.71
C ALA A 396 -26.19 -19.86 25.04
N LEU A 397 -26.96 -18.76 25.02
CA LEU A 397 -27.53 -18.27 26.28
C LEU A 397 -28.50 -19.29 26.88
N LEU A 398 -29.32 -19.94 26.04
CA LEU A 398 -30.21 -20.98 26.52
C LEU A 398 -29.49 -22.29 26.79
N GLY A 399 -28.35 -22.52 26.15
CA GLY A 399 -27.61 -23.75 26.38
C GLY A 399 -27.10 -23.88 27.79
N THR A 400 -26.62 -22.79 28.39
CA THR A 400 -26.10 -22.85 29.75
C THR A 400 -27.19 -23.24 30.74
N ILE A 401 -28.33 -22.56 30.69
CA ILE A 401 -29.42 -22.88 31.61
C ILE A 401 -29.98 -24.26 31.33
N TYR A 402 -30.03 -24.66 30.05
CA TYR A 402 -30.51 -26.00 29.71
C TYR A 402 -29.61 -27.08 30.31
N SER A 403 -28.30 -26.90 30.18
CA SER A 403 -27.35 -27.85 30.78
C SER A 403 -27.44 -27.84 32.30
N ILE A 404 -27.61 -26.67 32.90
CA ILE A 404 -27.76 -26.59 34.35
C ILE A 404 -29.00 -27.35 34.80
N PHE A 405 -30.11 -27.20 34.05
CA PHE A 405 -31.33 -27.92 34.37
C PHE A 405 -31.13 -29.43 34.23
N ILE A 406 -30.44 -29.89 33.18
CA ILE A 406 -30.18 -31.32 33.05
C ILE A 406 -29.34 -31.83 34.22
N LEU A 407 -28.29 -31.09 34.58
CA LEU A 407 -27.40 -31.54 35.64
C LEU A 407 -28.11 -31.55 37.00
N TYR A 408 -29.00 -30.58 37.24
CA TYR A 408 -29.71 -30.53 38.52
C TYR A 408 -30.63 -31.72 38.73
N ARG A 409 -31.07 -32.37 37.66
CA ARG A 409 -31.96 -33.52 37.79
C ARG A 409 -31.21 -34.76 38.28
N ASN A 410 -29.95 -34.90 37.91
CA ASN A 410 -29.16 -36.07 38.26
C ASN A 410 -28.42 -35.93 39.58
N ARG A 411 -28.63 -34.84 40.31
CA ARG A 411 -27.99 -34.59 41.60
C ARG A 411 -26.46 -34.60 41.47
N VAL A 412 -25.98 -33.79 40.53
CA VAL A 412 -24.55 -33.64 40.28
C VAL A 412 -23.90 -32.94 41.47
N PRO A 413 -22.77 -33.43 41.97
CA PRO A 413 -22.09 -32.75 43.09
C PRO A 413 -21.64 -31.35 42.70
N LEU A 414 -21.56 -30.47 43.70
CA LEU A 414 -21.20 -29.07 43.52
C LEU A 414 -19.72 -28.86 43.25
N ASN A 415 -18.95 -29.93 43.04
CA ASN A 415 -17.52 -29.78 42.80
C ASN A 415 -17.22 -29.41 41.35
N GLU A 416 -17.71 -30.21 40.41
CA GLU A 416 -17.44 -30.01 38.99
C GLU A 416 -18.67 -29.50 38.24
N ILE A 417 -19.62 -28.89 38.95
CA ILE A 417 -20.82 -28.37 38.32
C ILE A 417 -20.48 -27.24 37.36
N VAL A 418 -19.58 -26.34 37.74
CA VAL A 418 -19.29 -25.17 36.92
C VAL A 418 -18.28 -25.44 35.81
N ILE A 419 -17.37 -26.39 36.00
CA ILE A 419 -16.35 -26.67 34.98
C ILE A 419 -17.01 -27.22 33.72
N ARG A 420 -18.08 -28.01 33.88
CA ARG A 420 -18.81 -28.51 32.72
C ARG A 420 -19.46 -27.37 31.94
N ALA A 421 -20.06 -26.41 32.65
CA ALA A 421 -20.67 -25.27 31.98
C ALA A 421 -19.62 -24.43 31.27
N LEU A 422 -18.46 -24.22 31.91
CA LEU A 422 -17.39 -23.46 31.27
C LEU A 422 -16.87 -24.19 30.02
N ASP A 423 -16.73 -25.51 30.09
CA ASP A 423 -16.29 -26.27 28.92
C ASP A 423 -17.32 -26.18 27.79
N LEU A 424 -18.61 -26.26 28.14
CA LEU A 424 -19.65 -26.12 27.12
C LEU A 424 -19.63 -24.72 26.49
N VAL A 425 -19.38 -23.69 27.30
CA VAL A 425 -19.29 -22.33 26.78
C VAL A 425 -18.10 -22.20 25.84
N THR A 426 -16.95 -22.75 26.23
CA THR A 426 -15.74 -22.59 25.43
C THR A 426 -15.68 -23.53 24.22
N VAL A 427 -16.53 -24.55 24.18
CA VAL A 427 -16.49 -25.49 23.05
C VAL A 427 -17.28 -24.99 21.85
N VAL A 428 -18.19 -24.04 21.96
CA VAL A 428 -18.88 -23.57 20.77
C VAL A 428 -18.17 -22.37 20.12
N VAL A 429 -16.92 -22.12 20.49
CA VAL A 429 -16.06 -21.10 19.90
C VAL A 429 -14.65 -21.60 20.04
N PRO A 430 -13.89 -21.80 18.95
CA PRO A 430 -12.55 -22.40 19.10
C PRO A 430 -11.32 -21.46 19.01
N PRO A 431 -10.25 -21.61 19.83
CA PRO A 431 -9.15 -20.65 19.70
C PRO A 431 -8.10 -21.05 18.67
N ALA A 432 -8.54 -21.34 17.45
CA ALA A 432 -7.62 -21.74 16.39
C ALA A 432 -7.96 -21.08 15.04
N LEU A 433 -8.92 -20.15 15.02
CA LEU A 433 -9.25 -19.48 13.76
C LEU A 433 -8.08 -18.69 13.20
N PRO A 434 -7.37 -17.85 13.98
CA PRO A 434 -6.17 -17.22 13.42
C PRO A 434 -5.12 -18.23 12.98
N ALA A 435 -4.97 -19.33 13.72
CA ALA A 435 -4.01 -20.37 13.31
C ALA A 435 -4.43 -20.99 11.98
N ALA A 436 -5.71 -21.27 11.80
CA ALA A 436 -6.19 -21.80 10.54
C ALA A 436 -5.96 -20.82 9.40
N MET A 437 -6.22 -19.52 9.65
CA MET A 437 -5.97 -18.51 8.63
C MET A 437 -4.49 -18.47 8.25
N THR A 438 -3.60 -18.53 9.24
CA THR A 438 -2.17 -18.47 8.96
C THR A 438 -1.71 -19.71 8.17
N VAL A 439 -2.17 -20.89 8.57
CA VAL A 439 -1.74 -22.09 7.88
C VAL A 439 -2.34 -22.18 6.48
N CYS A 440 -3.49 -21.56 6.25
CA CYS A 440 -4.02 -21.47 4.89
C CYS A 440 -3.25 -20.45 4.06
N THR A 441 -2.80 -19.36 4.69
CA THR A 441 -2.09 -18.30 4.01
C THR A 441 -0.65 -18.66 3.65
N LEU A 442 0.01 -19.51 4.45
CA LEU A 442 1.42 -19.83 4.19
C LEU A 442 1.62 -20.45 2.82
N TYR A 443 0.68 -21.27 2.35
CA TYR A 443 0.82 -21.89 1.04
C TYR A 443 0.85 -20.84 -0.06
N ALA A 444 -0.09 -19.88 -0.01
CA ALA A 444 -0.11 -18.82 -1.00
C ALA A 444 1.12 -17.93 -0.89
N GLN A 445 1.58 -17.68 0.34
CA GLN A 445 2.78 -16.86 0.53
C GLN A 445 4.01 -17.54 -0.07
N SER A 446 4.13 -18.85 0.13
CA SER A 446 5.26 -19.58 -0.45
C SER A 446 5.18 -19.62 -1.97
N ARG A 447 3.97 -19.82 -2.51
CA ARG A 447 3.83 -19.84 -3.97
C ARG A 447 4.10 -18.48 -4.58
N LEU A 448 3.76 -17.40 -3.89
CA LEU A 448 3.99 -16.06 -4.42
C LEU A 448 5.48 -15.75 -4.53
N ARG A 449 6.29 -16.23 -3.59
CA ARG A 449 7.72 -15.98 -3.60
C ARG A 449 8.45 -16.72 -4.71
N ARG A 450 7.80 -17.69 -5.37
CA ARG A 450 8.45 -18.42 -6.45
C ARG A 450 8.68 -17.54 -7.66
N GLN A 451 7.82 -16.55 -7.89
CA GLN A 451 7.92 -15.67 -9.04
C GLN A 451 8.69 -14.39 -8.75
N GLY A 452 9.66 -14.44 -7.83
CA GLY A 452 10.44 -13.27 -7.50
C GLY A 452 9.68 -12.16 -6.81
N ILE A 453 8.81 -12.51 -5.87
CA ILE A 453 8.04 -11.54 -5.10
C ILE A 453 8.40 -11.78 -3.63
N PHE A 454 9.28 -10.94 -3.09
CA PHE A 454 9.76 -11.07 -1.71
C PHE A 454 8.94 -10.12 -0.82
N CYS A 455 7.75 -10.59 -0.45
CA CYS A 455 6.85 -9.82 0.41
C CYS A 455 6.42 -10.68 1.60
N ILE A 456 6.18 -10.01 2.72
CA ILE A 456 5.74 -10.67 3.96
C ILE A 456 4.53 -9.91 4.48
N HIS A 457 3.34 -10.44 4.22
CA HIS A 457 2.09 -9.82 4.67
C HIS A 457 0.98 -10.85 4.66
N PRO A 458 0.90 -11.73 5.67
CA PRO A 458 -0.15 -12.76 5.67
C PRO A 458 -1.56 -12.19 5.69
N LEU A 459 -1.77 -11.04 6.34
CA LEU A 459 -3.10 -10.46 6.47
C LEU A 459 -3.47 -9.54 5.30
N ARG A 460 -2.55 -9.27 4.39
CA ARG A 460 -2.82 -8.38 3.26
C ARG A 460 -3.01 -9.13 1.95
N ILE A 461 -2.89 -10.45 1.94
CA ILE A 461 -3.08 -11.21 0.71
C ILE A 461 -4.53 -11.19 0.28
N ASN A 462 -5.45 -11.41 1.21
CA ASN A 462 -6.88 -11.45 0.90
C ASN A 462 -7.51 -10.07 0.80
N LEU A 463 -6.81 -9.02 1.25
CA LEU A 463 -7.39 -7.69 1.22
C LEU A 463 -7.54 -7.16 -0.20
N GLY A 464 -6.57 -7.46 -1.07
CA GLY A 464 -6.59 -6.97 -2.43
C GLY A 464 -7.14 -7.94 -3.44
N GLY A 465 -7.88 -8.96 -2.97
CA GLY A 465 -8.45 -9.93 -3.89
C GLY A 465 -9.48 -9.31 -4.82
N LYS A 466 -10.39 -8.51 -4.26
CA LYS A 466 -11.46 -7.89 -5.05
C LYS A 466 -11.06 -6.47 -5.44
N LEU A 467 -9.99 -6.38 -6.22
CA LEU A 467 -9.52 -5.09 -6.70
C LEU A 467 -10.47 -4.54 -7.76
N GLN A 468 -10.83 -3.26 -7.60
CA GLN A 468 -11.72 -2.59 -8.53
C GLN A 468 -10.98 -1.70 -9.52
N LEU A 469 -9.92 -1.02 -9.09
CA LEU A 469 -9.12 -0.20 -9.98
C LEU A 469 -7.70 -0.16 -9.44
N VAL A 470 -6.74 0.07 -10.35
CA VAL A 470 -5.33 0.14 -10.01
C VAL A 470 -4.80 1.47 -10.51
N CYS A 471 -4.10 2.21 -9.63
CA CYS A 471 -3.52 3.48 -10.02
C CYS A 471 -2.10 3.27 -10.54
N PHE A 472 -1.90 3.53 -11.84
CA PHE A 472 -0.60 3.32 -12.44
C PHE A 472 0.26 4.57 -12.37
N ASP A 473 1.54 4.45 -12.71
CA ASP A 473 2.45 5.59 -12.72
C ASP A 473 3.36 5.44 -13.93
N LYS A 474 3.66 6.56 -14.58
CA LYS A 474 4.47 6.56 -15.80
C LYS A 474 5.76 7.34 -15.52
N THR A 475 6.73 6.67 -14.91
CA THR A 475 8.12 7.13 -14.95
C THR A 475 9.03 5.96 -15.31
N GLY A 476 8.76 4.79 -14.75
CA GLY A 476 9.47 3.57 -15.06
C GLY A 476 8.62 2.32 -15.14
N THR A 477 7.34 2.43 -14.80
CA THR A 477 6.45 1.27 -14.78
C THR A 477 5.41 1.34 -15.90
N LEU A 478 5.46 2.38 -16.71
CA LEU A 478 4.55 2.50 -17.85
C LEU A 478 5.34 2.93 -19.08
N THR A 479 6.67 3.02 -18.94
CA THR A 479 7.55 3.43 -20.02
C THR A 479 8.95 2.87 -19.79
N GLU A 480 9.58 2.38 -20.86
CA GLU A 480 10.91 1.79 -20.78
C GLU A 480 11.92 2.79 -20.23
N ASP A 481 12.77 2.34 -19.31
CA ASP A 481 13.75 3.22 -18.68
C ASP A 481 14.79 3.68 -19.69
N GLY A 482 15.15 4.96 -19.61
CA GLY A 482 16.07 5.54 -20.55
C GLY A 482 15.40 6.05 -21.80
N LEU A 483 15.91 7.15 -22.35
CA LEU A 483 15.31 7.78 -23.53
C LEU A 483 15.95 7.18 -24.78
N ASP A 484 15.07 6.57 -25.60
CA ASP A 484 15.49 5.96 -26.86
C ASP A 484 15.34 6.84 -28.08
N VAL A 485 16.04 6.50 -29.15
CA VAL A 485 16.04 7.35 -30.33
C VAL A 485 15.18 6.79 -31.40
N MET A 486 14.19 7.59 -31.78
CA MET A 486 13.31 7.24 -32.88
C MET A 486 13.91 7.72 -34.20
N GLY A 487 13.11 7.64 -35.26
CA GLY A 487 13.57 8.10 -36.56
C GLY A 487 13.91 9.58 -36.59
N VAL A 488 15.20 9.89 -36.71
CA VAL A 488 15.67 11.27 -36.73
C VAL A 488 16.09 11.61 -38.16
N VAL A 489 15.71 12.81 -38.60
CA VAL A 489 16.01 13.27 -39.96
C VAL A 489 16.41 14.74 -39.92
N PRO A 490 17.64 15.06 -39.51
CA PRO A 490 18.08 16.47 -39.47
C PRO A 490 18.41 17.01 -40.86
N LEU A 491 17.37 17.44 -41.57
CA LEU A 491 17.52 17.98 -42.91
C LEU A 491 17.87 19.46 -42.85
N LYS A 492 17.81 20.13 -44.00
CA LYS A 492 18.11 21.55 -44.09
C LYS A 492 16.89 22.36 -43.63
N GLY A 493 16.87 23.65 -43.96
CA GLY A 493 15.81 24.54 -43.51
C GLY A 493 14.77 24.78 -44.58
N GLN A 494 14.87 25.93 -45.26
CA GLN A 494 13.92 26.26 -46.31
C GLN A 494 13.91 25.19 -47.40
N ALA A 495 12.81 25.16 -48.17
CA ALA A 495 12.58 24.16 -49.21
C ALA A 495 12.65 22.74 -48.63
N PHE A 496 12.02 22.56 -47.47
CA PHE A 496 12.00 21.28 -46.80
C PHE A 496 10.97 20.35 -47.43
N LEU A 497 11.14 19.05 -47.15
CA LEU A 497 10.22 18.02 -47.59
C LEU A 497 10.15 16.97 -46.49
N PRO A 498 9.03 16.26 -46.34
CA PRO A 498 8.97 15.18 -45.34
C PRO A 498 9.78 13.98 -45.80
N LEU A 499 10.96 13.82 -45.21
CA LEU A 499 11.90 12.80 -45.67
C LEU A 499 12.98 12.54 -44.62
N VAL A 500 13.00 11.35 -44.02
CA VAL A 500 12.05 10.25 -43.95
C VAL A 500 12.33 9.49 -42.64
N PRO A 501 11.43 9.59 -41.66
CA PRO A 501 11.69 8.99 -40.34
C PRO A 501 12.10 7.53 -40.41
N GLU A 502 13.33 7.23 -40.00
CA GLU A 502 13.90 5.90 -40.17
C GLU A 502 15.04 5.72 -39.18
N PRO A 503 15.46 4.49 -38.91
CA PRO A 503 16.67 4.28 -38.08
C PRO A 503 17.86 5.06 -38.59
N ARG A 504 18.61 5.68 -37.67
CA ARG A 504 19.67 6.60 -38.05
C ARG A 504 20.88 5.85 -38.61
N ARG A 505 21.70 6.60 -39.34
CA ARG A 505 23.03 6.17 -39.79
C ARG A 505 22.98 4.98 -40.76
N LEU A 506 21.81 4.75 -41.32
CA LEU A 506 21.72 3.75 -42.35
C LEU A 506 22.15 4.42 -43.64
N PRO A 507 21.70 5.68 -43.88
CA PRO A 507 22.19 6.27 -45.12
C PRO A 507 23.62 6.71 -44.96
N VAL A 508 24.22 7.26 -46.02
CA VAL A 508 25.59 7.74 -45.93
C VAL A 508 25.63 9.22 -46.21
N GLY A 509 26.60 9.90 -45.60
CA GLY A 509 26.66 11.33 -45.78
C GLY A 509 27.27 12.04 -44.58
N PRO A 510 27.42 13.36 -44.68
CA PRO A 510 27.98 14.12 -43.54
C PRO A 510 27.09 14.12 -42.31
N LEU A 511 25.81 13.78 -42.44
CA LEU A 511 24.91 13.76 -41.30
C LEU A 511 25.35 12.73 -40.27
N LEU A 512 25.83 11.57 -40.71
CA LEU A 512 26.29 10.54 -39.78
C LEU A 512 27.46 11.05 -38.94
N ARG A 513 28.45 11.68 -39.58
CA ARG A 513 29.57 12.22 -38.84
C ARG A 513 29.15 13.36 -37.93
N ALA A 514 28.24 14.22 -38.40
CA ALA A 514 27.78 15.35 -37.58
C ALA A 514 27.08 14.85 -36.32
N LEU A 515 26.25 13.81 -36.45
CA LEU A 515 25.59 13.23 -35.29
C LEU A 515 26.56 12.47 -34.39
N ALA A 516 27.59 11.84 -34.97
CA ALA A 516 28.54 11.10 -34.16
C ALA A 516 29.41 12.04 -33.33
N THR A 517 29.83 13.17 -33.90
CA THR A 517 30.70 14.09 -33.20
C THR A 517 29.98 14.97 -32.18
N CYS A 518 28.65 14.92 -32.14
CA CYS A 518 27.87 15.72 -31.21
C CYS A 518 27.71 14.95 -29.91
N HIS A 519 28.42 15.38 -28.87
CA HIS A 519 28.36 14.73 -27.56
C HIS A 519 28.79 15.76 -26.52
N ALA A 520 28.92 15.30 -25.28
CA ALA A 520 29.33 16.18 -24.18
C ALA A 520 30.79 15.95 -23.81
N PRO A 532 23.29 9.99 -18.94
CA PRO A 532 22.91 8.63 -19.34
C PRO A 532 22.32 8.57 -20.74
N MET A 533 22.22 9.73 -21.41
CA MET A 533 21.67 9.78 -22.75
C MET A 533 22.75 9.68 -23.82
N ASP A 534 23.96 10.18 -23.53
CA ASP A 534 25.05 10.09 -24.51
C ASP A 534 25.47 8.64 -24.74
N LEU A 535 25.56 7.85 -23.67
CA LEU A 535 25.92 6.45 -23.80
C LEU A 535 24.88 5.70 -24.61
N LYS A 536 23.60 5.95 -24.34
CA LYS A 536 22.53 5.31 -25.11
C LYS A 536 22.58 5.72 -26.57
N MET A 537 22.82 7.00 -26.83
CA MET A 537 22.91 7.47 -28.22
C MET A 537 24.07 6.81 -28.95
N VAL A 538 25.21 6.67 -28.29
CA VAL A 538 26.36 6.03 -28.92
C VAL A 538 26.12 4.53 -29.14
N GLU A 539 25.52 3.84 -28.17
CA GLU A 539 25.37 2.39 -28.27
C GLU A 539 24.24 1.99 -29.22
N SER A 540 23.13 2.72 -29.23
CA SER A 540 21.93 2.32 -29.94
C SER A 540 21.95 2.63 -31.43
N THR A 541 23.11 2.91 -32.01
CA THR A 541 23.20 3.20 -33.43
C THR A 541 23.94 2.14 -34.24
N GLY A 542 24.77 1.32 -33.60
CA GLY A 542 25.48 0.26 -34.30
C GLY A 542 26.92 0.60 -34.62
N TRP A 543 27.17 1.85 -35.00
CA TRP A 543 28.52 2.31 -35.35
C TRP A 543 29.22 2.76 -34.07
N VAL A 544 30.25 2.02 -33.67
CA VAL A 544 30.99 2.38 -32.46
C VAL A 544 32.08 3.39 -32.81
N LEU A 545 32.12 4.49 -32.07
CA LEU A 545 33.11 5.53 -32.30
C LEU A 545 34.45 5.16 -31.67
N GLN A 571 36.40 6.74 -28.24
CA GLN A 571 35.97 8.13 -28.18
C GLN A 571 36.99 9.04 -28.87
N LEU A 572 38.06 8.44 -29.40
CA LEU A 572 39.11 9.17 -30.09
C LEU A 572 39.15 8.88 -31.58
N GLN A 573 39.00 7.61 -31.96
CA GLN A 573 39.05 7.21 -33.35
C GLN A 573 37.93 6.22 -33.65
N ALA A 574 37.46 6.24 -34.89
CA ALA A 574 36.35 5.40 -35.31
C ALA A 574 36.66 4.78 -36.66
N MET A 575 36.41 3.48 -36.77
CA MET A 575 36.54 2.71 -38.01
C MET A 575 35.19 2.10 -38.36
N GLU A 576 35.19 1.24 -39.38
CA GLU A 576 34.00 0.64 -39.97
C GLU A 576 33.05 1.71 -40.51
N GLU A 577 33.61 2.74 -41.16
CA GLU A 577 32.76 3.68 -41.89
C GLU A 577 32.00 3.02 -43.04
N PRO A 578 32.63 2.23 -43.94
CA PRO A 578 34.08 1.97 -44.12
C PRO A 578 34.93 3.09 -44.77
N PRO A 579 34.50 3.89 -45.74
CA PRO A 579 35.41 4.88 -46.33
C PRO A 579 35.32 6.24 -45.65
N VAL A 580 36.33 7.07 -45.93
CA VAL A 580 36.43 8.42 -45.41
C VAL A 580 36.30 8.42 -43.88
N PRO A 581 37.30 7.93 -43.16
CA PRO A 581 37.21 7.94 -41.69
C PRO A 581 37.31 9.35 -41.13
N VAL A 582 36.70 9.52 -39.95
CA VAL A 582 36.69 10.81 -39.25
C VAL A 582 37.04 10.57 -37.79
N SER A 583 37.55 11.62 -37.14
CA SER A 583 37.91 11.56 -35.74
C SER A 583 37.70 12.93 -35.12
N VAL A 584 37.51 12.95 -33.80
CA VAL A 584 37.28 14.17 -33.05
C VAL A 584 38.58 14.56 -32.35
N LEU A 585 38.75 15.86 -32.13
CA LEU A 585 39.95 16.39 -31.49
C LEU A 585 39.70 17.11 -30.19
N HIS A 586 38.66 17.93 -30.09
CA HIS A 586 38.40 18.70 -28.88
C HIS A 586 36.92 19.04 -28.81
N ARG A 587 36.49 19.45 -27.62
CA ARG A 587 35.09 19.83 -27.40
C ARG A 587 35.05 20.97 -26.39
N PHE A 588 33.91 21.67 -26.37
CA PHE A 588 33.74 22.80 -25.48
C PHE A 588 32.72 22.48 -24.40
N PRO A 589 32.88 23.04 -23.19
CA PRO A 589 31.94 22.75 -22.11
C PRO A 589 30.62 23.48 -22.30
N PHE A 590 29.61 23.03 -21.54
CA PHE A 590 28.31 23.66 -21.53
C PHE A 590 28.40 25.07 -20.91
N SER A 591 27.60 25.98 -21.45
CA SER A 591 27.47 27.33 -20.93
C SER A 591 26.05 27.51 -20.41
N SER A 592 25.94 27.89 -19.13
CA SER A 592 24.62 28.07 -18.52
C SER A 592 23.94 29.35 -18.97
N ALA A 593 24.69 30.33 -19.47
CA ALA A 593 24.07 31.57 -19.92
C ALA A 593 23.25 31.37 -21.18
N LEU A 594 23.82 30.65 -22.16
CA LEU A 594 23.15 30.37 -23.43
C LEU A 594 23.27 28.89 -23.74
N GLN A 595 22.15 28.28 -24.12
CA GLN A 595 22.11 26.84 -24.39
C GLN A 595 22.75 26.59 -25.77
N ARG A 596 24.08 26.44 -25.75
CA ARG A 596 24.84 26.23 -26.97
C ARG A 596 25.86 25.11 -26.74
N MET A 597 25.99 24.24 -27.74
CA MET A 597 26.96 23.13 -27.71
C MET A 597 27.69 23.09 -29.04
N SER A 598 28.87 23.73 -29.10
CA SER A 598 29.69 23.80 -30.29
C SER A 598 30.84 22.80 -30.17
N VAL A 599 30.97 21.94 -31.18
CA VAL A 599 32.04 20.95 -31.24
C VAL A 599 32.82 21.17 -32.53
N VAL A 600 34.15 21.23 -32.41
CA VAL A 600 35.04 21.50 -33.53
C VAL A 600 35.66 20.19 -33.99
N VAL A 601 35.61 19.94 -35.30
CA VAL A 601 36.19 18.76 -35.90
C VAL A 601 37.14 19.20 -37.01
N ALA A 602 38.10 18.34 -37.32
CA ALA A 602 39.10 18.66 -38.35
C ALA A 602 39.57 17.36 -38.97
N TRP A 603 39.24 17.16 -40.25
CA TRP A 603 39.69 16.00 -41.02
C TRP A 603 40.35 16.48 -42.30
N PRO A 604 41.67 16.68 -42.29
CA PRO A 604 42.36 17.16 -43.49
C PRO A 604 42.63 16.10 -44.54
N GLY A 605 42.03 14.92 -44.43
CA GLY A 605 42.26 13.86 -45.39
C GLY A 605 41.58 14.10 -46.73
N ALA A 606 40.25 14.12 -46.73
CA ALA A 606 39.48 14.31 -47.95
C ALA A 606 38.65 15.58 -47.93
N THR A 607 37.84 15.78 -46.89
CA THR A 607 36.97 16.95 -46.79
C THR A 607 37.70 18.08 -46.06
N GLN A 608 36.98 19.15 -45.73
CA GLN A 608 37.53 20.28 -45.03
C GLN A 608 37.00 20.35 -43.60
N PRO A 609 37.78 20.89 -42.67
CA PRO A 609 37.30 21.01 -41.29
C PRO A 609 36.11 21.97 -41.19
N GLU A 610 35.25 21.69 -40.21
CA GLU A 610 34.07 22.51 -39.97
C GLU A 610 33.71 22.43 -38.49
N ALA A 611 32.72 23.22 -38.10
CA ALA A 611 32.26 23.27 -36.72
C ALA A 611 30.77 22.97 -36.67
N TYR A 612 30.36 22.19 -35.67
CA TYR A 612 28.97 21.82 -35.46
C TYR A 612 28.50 22.37 -34.13
N VAL A 613 27.30 22.97 -34.13
CA VAL A 613 26.72 23.56 -32.94
C VAL A 613 25.28 23.10 -32.81
N LYS A 614 24.77 23.13 -31.57
CA LYS A 614 23.39 22.74 -31.30
C LYS A 614 22.82 23.68 -30.24
N GLY A 615 21.50 23.77 -30.22
CA GLY A 615 20.83 24.64 -29.26
C GLY A 615 19.34 24.69 -29.51
N SER A 616 18.70 25.69 -28.94
CA SER A 616 17.27 25.86 -29.09
C SER A 616 16.91 26.14 -30.56
N PRO A 617 15.81 25.57 -31.05
CA PRO A 617 15.42 25.84 -32.45
C PRO A 617 15.16 27.30 -32.74
N GLU A 618 14.63 28.06 -31.78
CA GLU A 618 14.36 29.47 -32.01
C GLU A 618 15.64 30.25 -32.26
N LEU A 619 16.70 29.96 -31.50
CA LEU A 619 17.96 30.67 -31.66
C LEU A 619 18.56 30.41 -33.04
N VAL A 620 18.61 29.15 -33.46
CA VAL A 620 19.19 28.82 -34.75
C VAL A 620 18.29 29.28 -35.90
N ALA A 621 16.99 29.42 -35.66
CA ALA A 621 16.10 29.94 -36.69
C ALA A 621 16.27 31.45 -36.86
N GLY A 622 16.42 32.18 -35.75
CA GLY A 622 16.58 33.62 -35.83
C GLY A 622 18.01 34.07 -36.12
N LEU A 623 18.98 33.18 -35.98
CA LEU A 623 20.38 33.52 -36.22
C LEU A 623 20.88 33.00 -37.57
N CYS A 624 19.97 32.52 -38.43
CA CYS A 624 20.37 31.98 -39.73
C CYS A 624 19.51 32.58 -40.85
N ASN A 625 18.98 33.78 -40.63
CA ASN A 625 18.15 34.47 -41.60
C ASN A 625 18.89 34.75 -42.92
N PRO A 626 20.13 35.28 -42.90
CA PRO A 626 20.82 35.53 -44.18
C PRO A 626 21.12 34.28 -44.98
N GLU A 627 21.12 33.10 -44.37
CA GLU A 627 21.43 31.86 -45.06
C GLU A 627 20.22 30.97 -45.26
N THR A 628 19.49 30.65 -44.20
CA THR A 628 18.30 29.80 -44.26
C THR A 628 17.11 30.60 -43.77
N VAL A 629 16.36 31.19 -44.69
CA VAL A 629 15.16 31.96 -44.32
C VAL A 629 14.10 31.01 -43.78
N PRO A 630 13.36 31.38 -42.74
CA PRO A 630 12.33 30.50 -42.19
C PRO A 630 11.09 30.49 -43.06
N THR A 631 10.88 29.39 -43.78
CA THR A 631 9.72 29.21 -44.65
C THR A 631 8.96 27.98 -44.19
N ASP A 632 7.71 28.17 -43.77
CA ASP A 632 6.85 27.09 -43.30
C ASP A 632 7.52 26.29 -42.18
N PHE A 633 7.93 27.02 -41.13
CA PHE A 633 8.63 26.44 -40.01
C PHE A 633 7.81 26.39 -38.73
N ALA A 634 6.80 27.25 -38.58
CA ALA A 634 5.99 27.30 -37.37
C ALA A 634 4.86 26.28 -37.37
N GLN A 635 4.61 25.60 -38.48
CA GLN A 635 3.52 24.64 -38.57
C GLN A 635 3.84 23.32 -37.87
N MET A 636 5.09 22.89 -37.88
CA MET A 636 5.47 21.62 -37.29
C MET A 636 5.93 21.74 -35.84
N LEU A 637 6.41 22.92 -35.44
CA LEU A 637 6.87 23.09 -34.07
C LEU A 637 5.73 22.97 -33.07
N GLN A 638 4.57 23.57 -33.39
CA GLN A 638 3.42 23.46 -32.50
C GLN A 638 2.95 22.02 -32.37
N SER A 639 2.90 21.28 -33.49
CA SER A 639 2.51 19.88 -33.43
C SER A 639 3.51 19.04 -32.63
N TYR A 640 4.81 19.29 -32.81
CA TYR A 640 5.81 18.56 -32.05
C TYR A 640 5.73 18.86 -30.55
N THR A 641 5.50 20.12 -30.19
CA THR A 641 5.41 20.47 -28.77
C THR A 641 4.10 20.02 -28.15
N ALA A 642 3.03 19.87 -28.94
CA ALA A 642 1.76 19.44 -28.40
C ALA A 642 1.77 17.99 -27.94
N ALA A 643 2.71 17.19 -28.42
CA ALA A 643 2.82 15.78 -28.04
C ALA A 643 3.78 15.58 -26.87
N GLY A 644 4.35 16.64 -26.33
CA GLY A 644 5.26 16.52 -25.21
C GLY A 644 6.67 16.12 -25.58
N TYR A 645 6.99 16.02 -26.88
CA TYR A 645 8.31 15.63 -27.31
C TYR A 645 9.31 16.75 -27.07
N ARG A 646 10.54 16.38 -26.74
CA ARG A 646 11.62 17.34 -26.53
C ARG A 646 12.35 17.55 -27.84
N VAL A 647 12.40 18.79 -28.30
CA VAL A 647 12.98 19.15 -29.58
C VAL A 647 14.18 20.05 -29.35
N VAL A 648 15.34 19.66 -29.88
CA VAL A 648 16.55 20.47 -29.85
C VAL A 648 17.15 20.47 -31.25
N ALA A 649 17.58 21.64 -31.72
CA ALA A 649 18.07 21.80 -33.07
C ALA A 649 19.59 21.83 -33.10
N LEU A 650 20.13 21.80 -34.32
CA LEU A 650 21.57 21.82 -34.55
C LEU A 650 21.88 22.77 -35.70
N ALA A 651 23.13 23.21 -35.76
CA ALA A 651 23.57 24.11 -36.83
C ALA A 651 25.06 23.92 -37.06
N SER A 652 25.51 24.39 -38.22
CA SER A 652 26.92 24.26 -38.59
C SER A 652 27.26 25.37 -39.58
N LYS A 653 28.57 25.58 -39.75
CA LYS A 653 29.07 26.60 -40.67
C LYS A 653 30.44 26.19 -41.20
N PRO A 654 30.58 25.95 -42.50
CA PRO A 654 31.89 25.60 -43.05
C PRO A 654 32.89 26.73 -42.90
N LEU A 655 34.13 26.37 -42.56
CA LEU A 655 35.20 27.33 -42.38
C LEU A 655 36.50 26.74 -42.92
N PRO A 656 37.44 27.59 -43.34
CA PRO A 656 38.74 27.08 -43.80
C PRO A 656 39.54 26.43 -42.68
N THR A 657 40.59 25.69 -43.04
CA THR A 657 41.31 24.87 -42.07
C THR A 657 42.01 25.72 -41.02
N VAL A 658 42.73 26.77 -41.44
CA VAL A 658 43.51 27.57 -40.51
C VAL A 658 42.65 28.26 -39.47
N PRO A 659 41.59 29.00 -39.84
CA PRO A 659 40.71 29.56 -38.79
C PRO A 659 40.06 28.52 -37.92
N SER A 660 39.72 27.35 -38.49
CA SER A 660 39.11 26.29 -37.68
C SER A 660 40.06 25.80 -36.59
N LEU A 661 41.31 25.50 -36.97
CA LEU A 661 42.28 25.06 -35.97
C LEU A 661 42.65 26.17 -35.00
N GLU A 662 42.70 27.43 -35.46
CA GLU A 662 42.97 28.53 -34.54
C GLU A 662 41.86 28.65 -33.50
N ALA A 663 40.60 28.56 -33.93
CA ALA A 663 39.49 28.62 -32.99
C ALA A 663 39.49 27.42 -32.04
N ALA A 664 39.81 26.23 -32.55
CA ALA A 664 39.88 25.04 -31.71
C ALA A 664 40.99 25.12 -30.67
N GLN A 665 42.13 25.73 -31.01
CA GLN A 665 43.27 25.81 -30.11
C GLN A 665 43.21 27.00 -29.16
N GLN A 666 42.53 28.08 -29.53
CA GLN A 666 42.48 29.29 -28.70
C GLN A 666 41.29 29.31 -27.75
N LEU A 667 40.43 28.28 -27.79
CA LEU A 667 39.29 28.17 -26.87
C LEU A 667 38.36 29.39 -26.99
N THR A 668 37.78 29.54 -28.18
CA THR A 668 36.85 30.63 -28.45
C THR A 668 35.52 30.07 -28.95
N ARG A 669 34.47 30.88 -28.79
CA ARG A 669 33.14 30.50 -29.23
C ARG A 669 32.40 31.58 -30.00
N ASP A 670 32.78 32.85 -29.87
CA ASP A 670 32.07 33.93 -30.55
C ASP A 670 32.51 34.08 -32.01
N THR A 671 33.61 33.44 -32.41
CA THR A 671 34.09 33.56 -33.78
C THR A 671 33.33 32.65 -34.75
N VAL A 672 32.49 31.76 -34.25
CA VAL A 672 31.72 30.85 -35.12
C VAL A 672 30.24 31.19 -35.15
N GLU A 673 29.75 32.00 -34.23
CA GLU A 673 28.34 32.36 -34.18
C GLU A 673 28.08 33.60 -35.02
N GLY A 674 26.80 33.81 -35.36
CA GLY A 674 26.35 34.94 -36.14
C GLY A 674 25.91 34.59 -37.54
N ASP A 675 26.52 33.58 -38.15
CA ASP A 675 26.16 33.15 -39.50
C ASP A 675 26.50 31.68 -39.64
N LEU A 676 25.49 30.83 -39.63
CA LEU A 676 25.68 29.38 -39.74
C LEU A 676 24.62 28.84 -40.69
N SER A 677 24.53 27.51 -40.76
CA SER A 677 23.53 26.83 -41.58
C SER A 677 22.77 25.84 -40.71
N LEU A 678 21.46 25.77 -40.92
CA LEU A 678 20.61 24.90 -40.12
C LEU A 678 20.94 23.44 -40.40
N LEU A 679 21.35 22.71 -39.35
CA LEU A 679 21.68 21.30 -39.50
C LEU A 679 20.43 20.41 -39.44
N GLY A 680 19.46 20.78 -38.63
CA GLY A 680 18.25 20.00 -38.48
C GLY A 680 17.75 20.07 -37.06
N LEU A 681 16.91 19.09 -36.71
CA LEU A 681 16.30 19.01 -35.40
C LEU A 681 16.38 17.58 -34.87
N LEU A 682 16.36 17.45 -33.54
CA LEU A 682 16.41 16.17 -32.85
C LEU A 682 15.04 15.92 -32.23
N VAL A 683 14.51 14.72 -32.45
CA VAL A 683 13.19 14.34 -31.93
C VAL A 683 13.34 13.10 -31.07
N MET A 684 12.61 13.09 -29.96
CA MET A 684 12.60 11.98 -29.01
C MET A 684 11.21 11.34 -28.99
N ARG A 685 11.11 10.17 -28.35
CA ARG A 685 9.86 9.44 -28.26
C ARG A 685 9.68 8.94 -26.84
N ASN A 686 8.43 8.94 -26.37
CA ASN A 686 8.07 8.47 -25.04
C ASN A 686 7.09 7.30 -25.14
N LEU A 687 7.35 6.37 -26.04
CA LEU A 687 6.46 5.23 -26.22
C LEU A 687 6.53 4.29 -25.02
N LEU A 688 5.43 3.56 -24.80
CA LEU A 688 5.32 2.64 -23.68
C LEU A 688 5.85 1.26 -24.10
N LYS A 689 5.96 0.37 -23.11
CA LYS A 689 6.43 -0.99 -23.34
C LYS A 689 5.43 -1.77 -24.20
N PRO A 690 5.92 -2.56 -25.15
CA PRO A 690 5.01 -3.35 -25.99
C PRO A 690 4.17 -4.35 -25.21
N GLN A 691 4.68 -4.90 -24.11
CA GLN A 691 3.95 -5.90 -23.34
C GLN A 691 2.88 -5.29 -22.45
N THR A 692 2.87 -3.96 -22.28
CA THR A 692 1.86 -3.31 -21.45
C THR A 692 0.48 -3.36 -22.08
N THR A 693 0.41 -3.24 -23.41
CA THR A 693 -0.89 -3.23 -24.08
C THR A 693 -1.71 -4.51 -23.88
N PRO A 694 -1.15 -5.72 -24.02
CA PRO A 694 -1.96 -6.92 -23.73
C PRO A 694 -2.47 -6.95 -22.30
N VAL A 695 -1.65 -6.53 -21.33
CA VAL A 695 -2.08 -6.52 -19.94
C VAL A 695 -3.22 -5.52 -19.74
N ILE A 696 -3.10 -4.34 -20.36
CA ILE A 696 -4.16 -3.34 -20.26
C ILE A 696 -5.45 -3.86 -20.88
N GLN A 697 -5.35 -4.50 -22.04
CA GLN A 697 -6.54 -5.03 -22.70
C GLN A 697 -7.19 -6.14 -21.87
N ALA A 698 -6.39 -7.01 -21.26
CA ALA A 698 -6.93 -8.07 -20.42
C ALA A 698 -7.54 -7.51 -19.15
N LEU A 699 -7.01 -6.41 -18.63
CA LEU A 699 -7.54 -5.80 -17.43
C LEU A 699 -8.85 -5.05 -17.67
N ARG A 700 -9.07 -4.56 -18.88
CA ARG A 700 -10.26 -3.75 -19.17
C ARG A 700 -11.49 -4.59 -19.48
N ARG A 701 -11.35 -5.89 -19.70
CA ARG A 701 -12.49 -6.73 -20.02
C ARG A 701 -13.11 -7.39 -18.78
N THR A 702 -12.57 -7.13 -17.59
CA THR A 702 -13.13 -7.63 -16.34
C THR A 702 -13.71 -6.51 -15.49
N ARG A 703 -14.30 -5.48 -16.13
CA ARG A 703 -14.88 -4.31 -15.48
C ARG A 703 -14.01 -3.79 -14.33
N ILE A 704 -12.70 -3.72 -14.59
CA ILE A 704 -11.74 -3.16 -13.66
C ILE A 704 -11.20 -1.88 -14.27
N ARG A 705 -11.37 -0.77 -13.55
CA ARG A 705 -10.94 0.53 -14.05
C ARG A 705 -9.42 0.63 -14.03
N ALA A 706 -8.89 1.49 -14.91
CA ALA A 706 -7.45 1.73 -15.02
C ALA A 706 -7.24 3.24 -15.06
N VAL A 707 -6.96 3.83 -13.90
CA VAL A 707 -6.72 5.27 -13.78
C VAL A 707 -5.23 5.52 -13.89
N MET A 708 -4.88 6.71 -14.36
CA MET A 708 -3.48 7.11 -14.55
C MET A 708 -3.13 8.20 -13.56
N VAL A 709 -2.07 7.98 -12.79
CA VAL A 709 -1.58 8.94 -11.81
C VAL A 709 -0.11 9.20 -12.10
N THR A 710 0.23 10.45 -12.37
CA THR A 710 1.61 10.83 -12.67
C THR A 710 1.80 12.31 -12.41
N GLY A 711 3.06 12.71 -12.30
CA GLY A 711 3.42 14.10 -12.11
C GLY A 711 3.93 14.82 -13.33
N ASP A 712 3.77 14.24 -14.52
CA ASP A 712 4.26 14.86 -15.74
C ASP A 712 3.23 15.86 -16.28
N ASN A 713 3.55 16.45 -17.43
CA ASN A 713 2.65 17.41 -18.05
C ASN A 713 1.42 16.71 -18.61
N LEU A 714 0.36 17.50 -18.82
CA LEU A 714 -0.90 16.94 -19.31
C LEU A 714 -0.76 16.42 -20.74
N GLN A 715 0.04 17.09 -21.58
CA GLN A 715 0.22 16.65 -22.95
C GLN A 715 0.86 15.26 -23.01
N THR A 716 1.88 15.02 -22.19
CA THR A 716 2.48 13.70 -22.14
C THR A 716 1.49 12.65 -21.67
N ALA A 717 0.67 12.99 -20.67
CA ALA A 717 -0.32 12.05 -20.16
C ALA A 717 -1.34 11.68 -21.22
N VAL A 718 -1.88 12.68 -21.95
CA VAL A 718 -2.87 12.37 -22.96
C VAL A 718 -2.25 11.62 -24.13
N THR A 719 -0.99 11.95 -24.46
CA THR A 719 -0.30 11.20 -25.52
C THR A 719 -0.13 9.73 -25.13
N VAL A 720 0.26 9.48 -23.89
CA VAL A 720 0.41 8.11 -23.42
C VAL A 720 -0.94 7.39 -23.41
N ALA A 721 -2.01 8.10 -23.00
CA ALA A 721 -3.33 7.50 -23.01
C ALA A 721 -3.78 7.13 -24.41
N ARG A 722 -3.55 8.00 -25.39
CA ARG A 722 -3.90 7.66 -26.78
C ARG A 722 -3.04 6.51 -27.29
N GLY A 723 -1.75 6.48 -26.93
CA GLY A 723 -0.90 5.39 -27.35
C GLY A 723 -1.34 4.05 -26.80
N CYS A 724 -1.70 4.00 -25.52
CA CYS A 724 -2.25 2.77 -24.95
C CYS A 724 -3.60 2.44 -25.57
N GLY A 725 -4.44 3.44 -25.79
CA GLY A 725 -5.72 3.25 -26.44
C GLY A 725 -6.69 2.36 -25.69
N MET A 726 -6.75 2.47 -24.37
CA MET A 726 -7.69 1.65 -23.60
C MET A 726 -9.12 2.16 -23.79
N VAL A 727 -9.32 3.47 -23.71
CA VAL A 727 -10.63 4.09 -23.96
C VAL A 727 -10.45 5.59 -24.07
N ALA A 728 -11.26 6.25 -24.90
CA ALA A 728 -11.22 7.70 -25.02
C ALA A 728 -12.50 8.24 -25.65
N PRO A 729 -13.66 8.08 -25.01
CA PRO A 729 -14.91 8.57 -25.60
C PRO A 729 -15.11 10.06 -25.29
N GLN A 730 -14.94 10.90 -26.31
CA GLN A 730 -15.15 12.34 -26.20
C GLN A 730 -14.34 12.93 -25.05
N GLU A 731 -13.02 12.83 -25.18
CA GLU A 731 -12.13 13.35 -24.14
C GLU A 731 -12.28 14.86 -24.04
N HIS A 732 -12.35 15.36 -22.79
CA HIS A 732 -12.54 16.78 -22.52
C HIS A 732 -11.35 17.32 -21.74
N LEU A 733 -10.99 18.56 -22.03
CA LEU A 733 -9.87 19.23 -21.40
C LEU A 733 -10.37 20.38 -20.53
N ILE A 734 -9.69 20.60 -19.40
CA ILE A 734 -10.06 21.64 -18.46
C ILE A 734 -8.83 22.48 -18.11
N ILE A 735 -9.09 23.70 -17.67
CA ILE A 735 -8.05 24.65 -17.29
C ILE A 735 -8.45 25.32 -15.98
N VAL A 736 -7.46 25.53 -15.12
CA VAL A 736 -7.71 26.13 -13.81
C VAL A 736 -8.34 27.51 -13.98
N HIS A 737 -9.14 27.91 -13.00
CA HIS A 737 -9.87 29.17 -13.03
C HIS A 737 -9.79 29.86 -11.67
N ALA A 738 -8.59 29.88 -11.07
CA ALA A 738 -8.40 30.49 -9.76
C ALA A 738 -8.02 31.97 -9.91
N THR A 739 -8.95 32.74 -10.47
CA THR A 739 -8.76 34.17 -10.66
C THR A 739 -9.79 35.04 -9.96
N HIS A 740 -11.01 34.54 -9.75
CA HIS A 740 -12.06 35.31 -9.11
C HIS A 740 -12.80 34.40 -8.15
N PRO A 741 -13.48 34.97 -7.15
CA PRO A 741 -14.29 34.12 -6.25
C PRO A 741 -15.34 33.30 -6.98
N GLU A 742 -15.94 33.86 -8.03
CA GLU A 742 -16.86 33.11 -8.87
C GLU A 742 -16.11 32.52 -10.06
N ARG A 743 -16.43 31.28 -10.40
CA ARG A 743 -15.72 30.59 -11.46
C ARG A 743 -16.65 29.58 -12.12
N GLY A 744 -16.30 29.20 -13.34
CA GLY A 744 -17.03 28.19 -14.08
C GLY A 744 -16.12 27.32 -14.91
N GLN A 745 -16.46 26.05 -15.06
CA GLN A 745 -15.61 25.14 -15.80
C GLN A 745 -15.73 25.39 -17.30
N PRO A 746 -14.63 25.66 -18.00
CA PRO A 746 -14.69 25.86 -19.44
C PRO A 746 -14.94 24.55 -20.18
N ALA A 747 -15.46 24.68 -21.40
CA ALA A 747 -15.74 23.54 -22.26
C ALA A 747 -14.78 23.60 -23.45
N SER A 748 -13.96 22.56 -23.61
CA SER A 748 -13.01 22.48 -24.70
C SER A 748 -13.00 21.08 -25.28
N LEU A 749 -12.73 20.99 -26.57
CA LEU A 749 -12.68 19.72 -27.28
C LEU A 749 -11.26 19.16 -27.30
N GLU A 750 -11.16 17.89 -27.67
CA GLU A 750 -9.86 17.22 -27.74
C GLU A 750 -9.13 17.58 -29.03
N SER A 780 -20.63 8.17 -20.27
CA SER A 780 -19.64 7.50 -21.10
C SER A 780 -18.59 8.49 -21.60
N ARG A 781 -18.02 9.26 -20.67
CA ARG A 781 -17.00 10.24 -21.01
C ARG A 781 -15.96 10.25 -19.90
N HIS A 782 -14.80 10.83 -20.22
CA HIS A 782 -13.70 10.94 -19.28
C HIS A 782 -13.19 12.38 -19.26
N LEU A 783 -12.68 12.78 -18.11
CA LEU A 783 -12.17 14.13 -17.89
C LEU A 783 -10.75 14.09 -17.34
N ALA A 784 -10.02 15.16 -17.59
CA ALA A 784 -8.63 15.29 -17.16
C ALA A 784 -8.55 16.26 -15.99
N LEU A 785 -7.85 15.87 -14.94
CA LEU A 785 -7.68 16.68 -13.75
C LEU A 785 -6.19 16.87 -13.47
N SER A 786 -5.86 18.03 -12.89
CA SER A 786 -4.49 18.40 -12.57
C SER A 786 -4.37 18.69 -11.07
N GLY A 787 -3.18 19.10 -10.66
CA GLY A 787 -2.90 19.44 -9.28
C GLY A 787 -3.67 20.66 -8.82
N PRO A 788 -3.36 21.82 -9.41
CA PRO A 788 -4.14 23.03 -9.10
C PRO A 788 -5.62 22.88 -9.39
N THR A 789 -5.98 22.14 -10.45
CA THR A 789 -7.39 21.90 -10.73
C THR A 789 -8.06 21.16 -9.58
N PHE A 790 -7.40 20.12 -9.07
CA PHE A 790 -7.95 19.39 -7.92
C PHE A 790 -8.00 20.26 -6.68
N GLY A 791 -6.98 21.09 -6.46
CA GLY A 791 -6.99 21.96 -5.29
C GLY A 791 -8.04 23.05 -5.35
N ILE A 792 -8.44 23.46 -6.55
CA ILE A 792 -9.47 24.49 -6.70
C ILE A 792 -10.86 23.88 -6.68
N ILE A 793 -11.03 22.69 -7.27
CA ILE A 793 -12.35 22.07 -7.32
C ILE A 793 -12.85 21.72 -5.92
N VAL A 794 -11.94 21.32 -5.02
CA VAL A 794 -12.29 21.03 -3.64
C VAL A 794 -12.73 22.32 -2.96
N LYS A 795 -13.35 22.20 -1.78
CA LYS A 795 -13.89 23.33 -1.00
C LYS A 795 -14.69 24.27 -1.91
N HIS A 796 -15.83 23.78 -2.35
CA HIS A 796 -16.56 22.64 -1.79
C HIS A 796 -16.21 21.29 -2.41
N PHE A 797 -15.95 20.32 -1.52
CA PHE A 797 -15.62 18.94 -1.88
C PHE A 797 -16.86 18.11 -2.25
N PRO A 798 -17.90 18.03 -1.42
CA PRO A 798 -18.97 17.05 -1.68
C PRO A 798 -19.81 17.36 -2.91
N LYS A 799 -19.78 18.58 -3.43
CA LYS A 799 -20.64 18.97 -4.55
C LYS A 799 -19.89 19.07 -5.87
N LEU A 800 -18.58 18.84 -5.89
CA LEU A 800 -17.82 18.97 -7.13
C LEU A 800 -16.91 17.78 -7.38
N LEU A 801 -16.48 17.11 -6.32
CA LEU A 801 -15.57 15.96 -6.47
C LEU A 801 -16.30 14.69 -6.88
N PRO A 802 -17.43 14.32 -6.24
CA PRO A 802 -18.11 13.08 -6.66
C PRO A 802 -18.59 13.10 -8.11
N LYS A 803 -18.85 14.28 -8.67
CA LYS A 803 -19.28 14.37 -10.07
C LYS A 803 -18.14 14.20 -11.05
N VAL A 804 -16.89 14.27 -10.59
CA VAL A 804 -15.74 14.16 -11.48
C VAL A 804 -14.81 13.01 -11.09
N LEU A 805 -14.85 12.52 -9.85
CA LEU A 805 -13.94 11.45 -9.44
C LEU A 805 -14.34 10.10 -9.99
N VAL A 806 -15.53 9.95 -10.57
CA VAL A 806 -15.98 8.67 -11.10
C VAL A 806 -15.58 8.52 -12.57
N GLN A 807 -15.72 9.57 -13.36
CA GLN A 807 -15.41 9.51 -14.78
C GLN A 807 -14.00 9.96 -15.11
N GLY A 808 -13.33 10.67 -14.20
CA GLY A 808 -11.98 11.13 -14.48
C GLY A 808 -10.98 9.98 -14.53
N THR A 809 -10.03 10.09 -15.45
CA THR A 809 -9.00 9.07 -15.61
C THR A 809 -7.60 9.65 -15.77
N VAL A 810 -7.45 10.96 -15.82
CA VAL A 810 -6.15 11.62 -15.96
C VAL A 810 -5.87 12.43 -14.71
N PHE A 811 -4.71 12.20 -14.10
CA PHE A 811 -4.30 12.88 -12.88
C PHE A 811 -2.86 13.38 -13.01
N ALA A 812 -2.54 14.01 -14.13
CA ALA A 812 -1.20 14.50 -14.36
C ALA A 812 -0.99 15.86 -13.69
N ARG A 813 0.29 16.26 -13.62
CA ARG A 813 0.69 17.57 -13.07
C ARG A 813 0.18 17.76 -11.65
N MET A 814 0.32 16.73 -10.83
CA MET A 814 -0.08 16.79 -9.42
C MET A 814 1.14 16.58 -8.53
N ALA A 815 1.18 17.32 -7.43
CA ALA A 815 2.28 17.20 -6.49
C ALA A 815 2.21 15.86 -5.76
N PRO A 816 3.37 15.31 -5.38
CA PRO A 816 3.36 14.03 -4.63
C PRO A 816 2.63 14.13 -3.30
N GLU A 817 2.58 15.31 -2.67
CA GLU A 817 1.86 15.45 -1.41
C GLU A 817 0.37 15.27 -1.59
N GLN A 818 -0.17 15.68 -2.74
CA GLN A 818 -1.60 15.52 -2.99
C GLN A 818 -1.99 14.07 -3.26
N LYS A 819 -1.01 13.21 -3.58
CA LYS A 819 -1.32 11.80 -3.82
C LYS A 819 -1.86 11.12 -2.56
N THR A 820 -1.28 11.44 -1.40
CA THR A 820 -1.76 10.87 -0.15
C THR A 820 -3.20 11.30 0.13
N GLU A 821 -3.49 12.58 -0.09
CA GLU A 821 -4.85 13.08 0.12
C GLU A 821 -5.83 12.41 -0.85
N LEU A 822 -5.42 12.25 -2.11
CA LEU A 822 -6.29 11.58 -3.07
C LEU A 822 -6.55 10.13 -2.69
N VAL A 823 -5.52 9.43 -2.22
CA VAL A 823 -5.69 8.04 -1.80
C VAL A 823 -6.61 7.97 -0.59
N CYS A 824 -6.44 8.87 0.38
CA CYS A 824 -7.30 8.88 1.56
C CYS A 824 -8.76 9.18 1.18
N GLU A 825 -8.98 10.13 0.27
CA GLU A 825 -10.33 10.44 -0.16
C GLU A 825 -10.97 9.31 -0.96
N LEU A 826 -10.19 8.59 -1.76
CA LEU A 826 -10.74 7.50 -2.55
C LEU A 826 -11.16 6.32 -1.67
N GLN A 827 -10.48 6.14 -0.52
CA GLN A 827 -10.84 5.04 0.36
C GLN A 827 -12.19 5.25 1.02
N LYS A 828 -12.59 6.51 1.22
CA LYS A 828 -13.88 6.79 1.85
C LYS A 828 -15.06 6.50 0.92
N LEU A 829 -14.80 6.34 -0.38
CA LEU A 829 -15.85 6.06 -1.36
C LEU A 829 -16.07 4.56 -1.57
N GLN A 830 -15.66 3.72 -0.61
CA GLN A 830 -15.81 2.27 -0.70
C GLN A 830 -15.15 1.73 -1.96
N TYR A 831 -13.97 2.23 -2.27
CA TYR A 831 -13.20 1.83 -3.44
C TYR A 831 -12.11 0.85 -3.02
N CYS A 832 -11.38 0.35 -4.03
CA CYS A 832 -10.27 -0.59 -3.82
C CYS A 832 -9.09 -0.08 -4.63
N VAL A 833 -8.24 0.74 -3.99
CA VAL A 833 -7.10 1.33 -4.69
C VAL A 833 -6.02 0.28 -4.90
N GLY A 834 -5.37 0.36 -6.06
CA GLY A 834 -4.31 -0.56 -6.41
C GLY A 834 -3.05 0.15 -6.88
N MET A 835 -2.75 1.29 -6.26
CA MET A 835 -1.60 2.09 -6.67
C MET A 835 -0.31 1.32 -6.47
N CYS A 836 0.54 1.31 -7.50
CA CYS A 836 1.83 0.64 -7.46
C CYS A 836 2.94 1.67 -7.58
N GLY A 837 3.88 1.64 -6.63
CA GLY A 837 4.98 2.58 -6.64
C GLY A 837 6.17 2.09 -7.46
N ASP A 838 7.06 3.03 -7.76
CA ASP A 838 8.28 2.75 -8.51
C ASP A 838 9.55 2.92 -7.67
N GLY A 839 9.57 3.88 -6.76
CA GLY A 839 10.73 4.10 -5.92
C GLY A 839 11.12 5.56 -5.83
N ALA A 840 11.21 6.08 -4.61
CA ALA A 840 11.58 7.47 -4.33
C ALA A 840 10.64 8.47 -4.98
N ASN A 841 9.41 8.05 -5.29
CA ASN A 841 8.42 8.93 -5.92
C ASN A 841 7.13 9.02 -5.12
N ASP A 842 6.65 7.91 -4.56
CA ASP A 842 5.42 7.88 -3.77
C ASP A 842 5.67 7.01 -2.55
N CYS A 843 6.07 7.63 -1.45
CA CYS A 843 6.33 6.92 -0.20
C CYS A 843 5.16 6.97 0.78
N GLY A 844 4.47 8.10 0.87
CA GLY A 844 3.35 8.23 1.78
C GLY A 844 2.12 7.49 1.31
N ALA A 845 1.95 7.34 0.00
CA ALA A 845 0.80 6.65 -0.57
C ALA A 845 1.09 5.17 -0.80
N LEU A 846 1.53 4.49 0.26
CA LEU A 846 1.83 3.07 0.19
C LEU A 846 1.25 2.25 1.33
N LYS A 847 0.88 2.87 2.45
CA LYS A 847 0.31 2.16 3.60
C LYS A 847 -1.20 2.31 3.70
N ALA A 848 -1.72 3.52 3.48
CA ALA A 848 -3.16 3.73 3.54
C ALA A 848 -3.89 3.07 2.38
N ALA A 849 -3.19 2.72 1.31
CA ALA A 849 -3.80 2.06 0.17
C ALA A 849 -4.00 0.58 0.46
N ASP A 850 -4.66 -0.11 -0.47
CA ASP A 850 -4.94 -1.54 -0.31
C ASP A 850 -3.76 -2.41 -0.74
N VAL A 851 -3.31 -2.23 -1.99
CA VAL A 851 -2.22 -3.01 -2.55
C VAL A 851 -1.13 -2.05 -3.01
N GLY A 852 0.10 -2.29 -2.56
CA GLY A 852 1.23 -1.50 -2.97
C GLY A 852 2.39 -2.37 -3.44
N ILE A 853 2.76 -2.23 -4.71
CA ILE A 853 3.80 -3.05 -5.32
C ILE A 853 4.95 -2.15 -5.78
N SER A 854 6.16 -2.54 -5.41
CA SER A 854 7.37 -1.83 -5.81
C SER A 854 8.15 -2.71 -6.78
N LEU A 855 8.44 -2.16 -7.97
CA LEU A 855 9.09 -2.90 -9.03
C LEU A 855 10.57 -2.55 -9.19
N SER A 856 11.13 -1.77 -8.26
CA SER A 856 12.54 -1.42 -8.30
C SER A 856 13.12 -1.52 -6.90
N GLN A 857 14.41 -1.87 -6.83
CA GLN A 857 15.08 -1.99 -5.54
C GLN A 857 15.28 -0.66 -4.84
N ALA A 858 15.21 0.44 -5.59
CA ALA A 858 15.34 1.79 -5.03
C ALA A 858 14.07 2.58 -5.37
N GLU A 859 13.55 3.30 -4.38
CA GLU A 859 14.10 3.42 -3.03
C GLU A 859 13.05 3.04 -2.00
N ALA A 860 11.77 3.15 -2.37
CA ALA A 860 10.67 2.85 -1.47
C ALA A 860 10.37 1.36 -1.35
N SER A 861 11.28 0.49 -1.80
CA SER A 861 11.06 -0.95 -1.72
C SER A 861 11.43 -1.54 -0.37
N VAL A 862 11.97 -0.73 0.55
CA VAL A 862 12.31 -1.26 1.88
C VAL A 862 11.05 -1.72 2.61
N VAL A 863 9.98 -0.94 2.57
CA VAL A 863 8.70 -1.34 3.14
C VAL A 863 7.62 -1.12 2.08
N SER A 864 6.73 -2.10 1.94
CA SER A 864 5.65 -2.06 0.96
C SER A 864 4.74 -3.26 1.21
N PRO A 865 3.45 -3.13 0.88
CA PRO A 865 2.57 -4.30 0.97
C PRO A 865 3.01 -5.45 0.08
N PHE A 866 3.57 -5.15 -1.10
CA PHE A 866 4.09 -6.17 -2.00
C PHE A 866 5.42 -5.68 -2.56
N THR A 867 6.41 -6.58 -2.58
CA THR A 867 7.74 -6.26 -3.12
C THR A 867 8.10 -7.34 -4.13
N SER A 868 8.39 -6.93 -5.36
CA SER A 868 8.72 -7.84 -6.44
C SER A 868 10.00 -7.38 -7.13
N SER A 869 10.70 -8.35 -7.74
CA SER A 869 11.94 -8.10 -8.46
C SER A 869 11.73 -8.13 -9.97
N MET A 870 10.55 -7.71 -10.42
CA MET A 870 10.19 -7.69 -11.83
C MET A 870 9.61 -6.33 -12.19
N ALA A 871 9.87 -5.91 -13.44
CA ALA A 871 9.45 -4.60 -13.92
C ALA A 871 8.42 -4.74 -15.03
N SER A 872 7.46 -5.64 -14.83
CA SER A 872 6.41 -5.89 -15.82
C SER A 872 5.05 -5.84 -15.14
N ILE A 873 4.02 -5.52 -15.95
CA ILE A 873 2.65 -5.44 -15.45
C ILE A 873 1.95 -6.79 -15.49
N GLU A 874 2.58 -7.83 -16.06
CA GLU A 874 1.95 -9.14 -16.12
C GLU A 874 1.77 -9.75 -14.73
N CYS A 875 2.46 -9.23 -13.72
CA CYS A 875 2.33 -9.78 -12.37
C CYS A 875 1.02 -9.40 -11.70
N VAL A 876 0.37 -8.32 -12.13
CA VAL A 876 -0.87 -7.86 -11.52
C VAL A 876 -1.98 -8.90 -11.68
N PRO A 877 -2.24 -9.45 -12.87
CA PRO A 877 -3.29 -10.48 -12.97
C PRO A 877 -3.02 -11.70 -12.12
N MET A 878 -1.78 -12.20 -12.08
CA MET A 878 -1.51 -13.40 -11.31
C MET A 878 -1.59 -13.14 -9.82
N VAL A 879 -1.14 -11.96 -9.36
CA VAL A 879 -1.24 -11.66 -7.94
C VAL A 879 -2.70 -11.47 -7.54
N ILE A 880 -3.51 -10.89 -8.44
CA ILE A 880 -4.94 -10.75 -8.16
C ILE A 880 -5.60 -12.11 -8.07
N ARG A 881 -5.26 -13.02 -8.99
CA ARG A 881 -5.81 -14.36 -8.95
C ARG A 881 -5.38 -15.10 -7.68
N GLU A 882 -4.12 -14.95 -7.28
CA GLU A 882 -3.64 -15.59 -6.07
C GLU A 882 -4.36 -15.05 -4.84
N GLY A 883 -4.57 -13.73 -4.78
CA GLY A 883 -5.32 -13.15 -3.67
C GLY A 883 -6.75 -13.64 -3.62
N ARG A 884 -7.40 -13.72 -4.79
CA ARG A 884 -8.77 -14.23 -4.84
C ARG A 884 -8.84 -15.67 -4.37
N CYS A 885 -7.91 -16.51 -4.82
CA CYS A 885 -7.90 -17.91 -4.41
C CYS A 885 -7.64 -18.04 -2.91
N SER A 886 -6.71 -17.24 -2.38
CA SER A 886 -6.42 -17.28 -0.96
C SER A 886 -7.62 -16.83 -0.13
N LEU A 887 -8.32 -15.79 -0.58
CA LEU A 887 -9.52 -15.34 0.12
C LEU A 887 -10.61 -16.41 0.10
N ASP A 888 -10.80 -17.05 -1.07
CA ASP A 888 -11.80 -18.11 -1.16
C ASP A 888 -11.46 -19.28 -0.24
N THR A 889 -10.18 -19.68 -0.22
CA THR A 889 -9.78 -20.77 0.66
C THR A 889 -9.94 -20.40 2.13
N SER A 890 -9.61 -19.17 2.49
CA SER A 890 -9.79 -18.73 3.87
C SER A 890 -11.26 -18.73 4.27
N PHE A 891 -12.14 -18.26 3.37
CA PHE A 891 -13.57 -18.28 3.65
C PHE A 891 -14.09 -19.69 3.81
N SER A 892 -13.66 -20.61 2.93
CA SER A 892 -14.08 -21.99 3.04
C SER A 892 -13.59 -22.62 4.34
N VAL A 893 -12.34 -22.33 4.73
CA VAL A 893 -11.81 -22.86 5.97
C VAL A 893 -12.59 -22.34 7.17
N PHE A 894 -12.90 -21.04 7.17
CA PHE A 894 -13.65 -20.47 8.29
C PHE A 894 -15.04 -21.08 8.37
N LYS A 895 -15.70 -21.26 7.21
CA LYS A 895 -17.02 -21.89 7.21
C LYS A 895 -16.95 -23.32 7.74
N TYR A 896 -15.93 -24.07 7.31
CA TYR A 896 -15.78 -25.44 7.79
C TYR A 896 -15.55 -25.48 9.30
N MET A 897 -14.70 -24.59 9.82
CA MET A 897 -14.45 -24.55 11.25
C MET A 897 -15.70 -24.17 12.03
N ALA A 898 -16.47 -23.19 11.53
CA ALA A 898 -17.71 -22.81 12.20
C ALA A 898 -18.71 -23.96 12.22
N LEU A 899 -18.85 -24.65 11.08
CA LEU A 899 -19.77 -25.78 11.03
C LEU A 899 -19.32 -26.92 11.94
N TYR A 900 -18.02 -27.18 12.00
CA TYR A 900 -17.50 -28.22 12.89
C TYR A 900 -17.73 -27.84 14.34
N SER A 901 -17.53 -26.57 14.71
CA SER A 901 -17.81 -26.14 16.07
C SER A 901 -19.28 -26.29 16.41
N LEU A 902 -20.16 -25.91 15.48
CA LEU A 902 -21.60 -26.02 15.74
C LEU A 902 -22.02 -27.48 15.90
N THR A 903 -21.51 -28.37 15.03
CA THR A 903 -21.91 -29.77 15.12
C THR A 903 -21.32 -30.42 16.37
N GLN A 904 -20.12 -30.04 16.79
CA GLN A 904 -19.59 -30.51 18.06
C GLN A 904 -20.44 -30.03 19.22
N PHE A 905 -20.90 -28.76 19.15
CA PHE A 905 -21.74 -28.22 20.21
C PHE A 905 -23.05 -29.02 20.33
N ILE A 906 -23.72 -29.28 19.21
CA ILE A 906 -24.99 -30.00 19.30
C ILE A 906 -24.75 -31.44 19.71
N SER A 907 -23.64 -32.05 19.26
CA SER A 907 -23.33 -33.40 19.67
C SER A 907 -23.10 -33.51 21.18
N VAL A 908 -22.38 -32.53 21.75
CA VAL A 908 -22.19 -32.52 23.21
C VAL A 908 -23.50 -32.26 23.93
N LEU A 909 -24.34 -31.36 23.39
CA LEU A 909 -25.61 -31.05 24.03
C LEU A 909 -26.52 -32.27 24.06
N ILE A 910 -26.59 -33.03 22.97
CA ILE A 910 -27.43 -34.21 22.93
C ILE A 910 -26.83 -35.35 23.75
N LEU A 911 -25.56 -35.26 24.12
CA LEU A 911 -24.93 -36.29 24.95
C LEU A 911 -25.20 -36.09 26.43
N TYR A 912 -25.81 -34.97 26.81
CA TYR A 912 -26.08 -34.69 28.22
C TYR A 912 -27.30 -35.44 28.75
N THR A 913 -28.07 -36.11 27.89
CA THR A 913 -29.24 -36.84 28.35
C THR A 913 -28.83 -37.97 29.31
N ILE A 914 -27.77 -38.70 28.97
CA ILE A 914 -27.28 -39.76 29.85
C ILE A 914 -26.36 -39.25 30.93
N ASN A 915 -25.94 -37.98 30.86
CA ASN A 915 -25.02 -37.37 31.81
C ASN A 915 -23.72 -38.17 31.85
N THR A 916 -23.02 -38.12 30.72
CA THR A 916 -21.74 -38.80 30.54
C THR A 916 -20.73 -37.83 29.92
N ASN A 917 -19.49 -38.28 29.82
CA ASN A 917 -18.42 -37.48 29.24
C ASN A 917 -17.66 -38.31 28.22
N LEU A 918 -17.22 -37.66 27.14
CA LEU A 918 -16.48 -38.35 26.11
C LEU A 918 -15.07 -38.69 26.57
N GLY A 919 -14.52 -39.75 25.99
CA GLY A 919 -13.15 -40.14 26.31
C GLY A 919 -12.16 -39.06 25.91
N ASP A 920 -11.27 -38.70 26.84
CA ASP A 920 -10.30 -37.65 26.58
C ASP A 920 -9.28 -38.08 25.53
N LEU A 921 -8.84 -39.34 25.58
CA LEU A 921 -7.81 -39.80 24.66
C LEU A 921 -8.31 -39.84 23.22
N GLN A 922 -9.49 -40.43 23.01
CA GLN A 922 -10.04 -40.50 21.65
C GLN A 922 -10.35 -39.11 21.09
N PHE A 923 -10.92 -38.24 21.92
CA PHE A 923 -11.22 -36.88 21.47
C PHE A 923 -9.93 -36.13 21.12
N LEU A 924 -8.89 -36.27 21.95
CA LEU A 924 -7.62 -35.62 21.68
C LEU A 924 -7.02 -36.13 20.39
N ALA A 925 -7.04 -37.46 20.19
CA ALA A 925 -6.48 -38.04 18.98
C ALA A 925 -7.23 -37.59 17.74
N ILE A 926 -8.56 -37.57 17.80
CA ILE A 926 -9.36 -37.21 16.63
C ILE A 926 -9.17 -35.73 16.33
N ASP A 927 -9.02 -34.90 17.36
CA ASP A 927 -8.77 -33.48 17.14
C ASP A 927 -7.41 -33.26 16.48
N LEU A 928 -6.39 -33.97 16.95
CA LEU A 928 -5.07 -33.88 16.34
C LEU A 928 -5.10 -34.34 14.88
N VAL A 929 -5.82 -35.44 14.63
CA VAL A 929 -5.92 -35.94 13.25
C VAL A 929 -6.61 -34.91 12.36
N ILE A 930 -7.71 -34.32 12.84
CA ILE A 930 -8.43 -33.33 12.06
C ILE A 930 -7.56 -32.11 11.78
N THR A 931 -6.85 -31.64 12.81
CA THR A 931 -5.99 -30.46 12.64
C THR A 931 -4.82 -30.72 11.71
N THR A 932 -4.19 -31.90 11.78
CA THR A 932 -3.00 -32.18 10.98
C THR A 932 -3.30 -32.77 9.61
N THR A 933 -4.54 -33.16 9.34
CA THR A 933 -4.90 -33.77 8.06
C THR A 933 -5.83 -32.89 7.24
N VAL A 934 -6.98 -32.51 7.80
CA VAL A 934 -7.95 -31.71 7.05
C VAL A 934 -7.60 -30.22 7.02
N ALA A 935 -7.21 -29.63 8.15
CA ALA A 935 -6.97 -28.20 8.23
C ALA A 935 -5.70 -27.75 7.49
N VAL A 936 -4.86 -28.69 7.04
CA VAL A 936 -3.61 -28.35 6.37
C VAL A 936 -3.68 -28.54 4.86
N LEU A 937 -4.02 -29.74 4.39
CA LEU A 937 -3.99 -30.06 2.97
C LEU A 937 -5.18 -29.50 2.21
N MET A 938 -6.14 -28.91 2.93
CA MET A 938 -7.31 -28.33 2.31
C MET A 938 -6.98 -27.12 1.46
N SER A 939 -6.06 -26.27 1.93
CA SER A 939 -5.71 -25.01 1.27
C SER A 939 -4.59 -25.19 0.25
N ARG A 940 -4.44 -26.40 -0.30
CA ARG A 940 -3.45 -26.67 -1.31
C ARG A 940 -3.93 -26.35 -2.71
N THR A 941 -5.21 -26.05 -2.88
CA THR A 941 -5.76 -25.71 -4.17
C THR A 941 -5.27 -24.34 -4.63
N GLY A 942 -5.16 -24.17 -5.94
CA GLY A 942 -4.70 -22.93 -6.52
C GLY A 942 -5.61 -22.43 -7.62
N PRO A 943 -5.39 -21.19 -8.05
CA PRO A 943 -6.22 -20.63 -9.13
C PRO A 943 -5.77 -21.13 -10.50
N ALA A 944 -6.75 -21.35 -11.37
CA ALA A 944 -6.47 -21.78 -12.73
C ALA A 944 -5.93 -20.61 -13.56
N LEU A 945 -5.40 -20.94 -14.73
CA LEU A 945 -4.83 -19.92 -15.63
C LEU A 945 -5.90 -19.33 -16.54
N VAL A 946 -7.00 -18.87 -15.94
CA VAL A 946 -8.07 -18.20 -16.67
C VAL A 946 -8.40 -16.91 -15.92
N LEU A 947 -9.03 -15.97 -16.62
CA LEU A 947 -9.43 -14.70 -16.02
C LEU A 947 -10.96 -14.66 -15.95
N GLY A 948 -11.50 -14.71 -14.74
CA GLY A 948 -12.93 -14.70 -14.53
C GLY A 948 -13.52 -13.30 -14.63
N ARG A 949 -14.85 -13.25 -14.56
CA ARG A 949 -15.60 -12.01 -14.63
C ARG A 949 -16.04 -11.52 -13.27
N VAL A 950 -16.68 -12.37 -12.47
CA VAL A 950 -17.13 -11.98 -11.15
C VAL A 950 -16.00 -12.13 -10.14
N ARG A 951 -16.17 -11.48 -9.00
CA ARG A 951 -15.20 -11.54 -7.91
C ARG A 951 -15.74 -12.36 -6.75
N PRO A 952 -14.87 -12.99 -5.96
CA PRO A 952 -15.34 -13.75 -4.79
C PRO A 952 -16.04 -12.84 -3.79
N PRO A 953 -17.33 -13.07 -3.55
CA PRO A 953 -18.08 -12.15 -2.67
C PRO A 953 -17.91 -12.47 -1.19
N GLY A 954 -17.43 -11.48 -0.43
CA GLY A 954 -17.34 -11.61 1.01
C GLY A 954 -18.58 -11.10 1.70
N ALA A 955 -18.43 -10.56 2.91
CA ALA A 955 -19.53 -9.98 3.68
C ALA A 955 -20.67 -11.01 3.84
N LEU A 956 -20.34 -12.07 4.58
CA LEU A 956 -21.25 -13.19 4.74
C LEU A 956 -22.41 -12.88 5.67
N LEU A 957 -23.26 -11.93 5.25
CA LEU A 957 -24.46 -11.56 5.98
C LEU A 957 -25.69 -11.53 5.08
N SER A 958 -25.60 -12.09 3.88
CA SER A 958 -26.69 -12.06 2.92
C SER A 958 -27.42 -13.40 2.90
N VAL A 959 -28.37 -13.54 1.98
CA VAL A 959 -29.20 -14.74 1.88
C VAL A 959 -28.44 -15.91 1.27
N PRO A 960 -27.74 -15.77 0.13
CA PRO A 960 -27.09 -16.94 -0.47
C PRO A 960 -25.99 -17.55 0.39
N VAL A 961 -25.42 -16.80 1.33
CA VAL A 961 -24.34 -17.32 2.18
C VAL A 961 -24.94 -17.95 3.43
N LEU A 962 -26.00 -17.34 3.96
CA LEU A 962 -26.65 -17.82 5.16
C LEU A 962 -27.68 -18.91 4.89
N SER A 963 -27.93 -19.24 3.63
CA SER A 963 -28.90 -20.27 3.27
C SER A 963 -28.34 -21.68 3.34
N SER A 964 -27.13 -21.86 3.88
CA SER A 964 -26.52 -23.17 4.00
C SER A 964 -26.26 -23.59 5.45
N LEU A 965 -26.01 -22.63 6.35
CA LEU A 965 -25.70 -22.97 7.73
C LEU A 965 -26.83 -23.76 8.38
N LEU A 966 -28.02 -23.15 8.47
CA LEU A 966 -29.15 -23.83 9.07
C LEU A 966 -29.60 -25.03 8.23
N LEU A 967 -29.42 -24.97 6.92
CA LEU A 967 -29.79 -26.09 6.06
C LEU A 967 -28.98 -27.34 6.39
N GLN A 968 -27.69 -27.16 6.65
CA GLN A 968 -26.87 -28.30 7.09
C GLN A 968 -27.14 -28.65 8.54
N MET A 969 -27.42 -27.65 9.38
CA MET A 969 -27.67 -27.90 10.79
C MET A 969 -28.90 -28.77 11.02
N VAL A 970 -29.97 -28.50 10.28
CA VAL A 970 -31.20 -29.29 10.45
C VAL A 970 -30.97 -30.72 9.99
N LEU A 971 -30.22 -30.91 8.89
CA LEU A 971 -29.91 -32.26 8.42
C LEU A 971 -29.07 -33.01 9.44
N VAL A 972 -28.07 -32.35 10.01
CA VAL A 972 -27.25 -32.99 11.05
C VAL A 972 -28.08 -33.34 12.27
N THR A 973 -28.95 -32.43 12.72
CA THR A 973 -29.81 -32.72 13.86
C THR A 973 -30.73 -33.90 13.59
N GLY A 974 -31.32 -33.96 12.39
CA GLY A 974 -32.20 -35.07 12.07
C GLY A 974 -31.46 -36.40 11.99
N VAL A 975 -30.29 -36.41 11.35
CA VAL A 975 -29.52 -37.65 11.24
C VAL A 975 -28.99 -38.10 12.59
N GLN A 976 -28.73 -37.17 13.52
CA GLN A 976 -28.34 -37.57 14.86
C GLN A 976 -29.53 -38.09 15.66
N LEU A 977 -30.68 -37.42 15.56
CA LEU A 977 -31.86 -37.83 16.30
C LEU A 977 -32.35 -39.20 15.85
N GLY A 978 -32.35 -39.46 14.54
CA GLY A 978 -32.77 -40.76 14.05
C GLY A 978 -31.90 -41.88 14.55
N GLY A 979 -30.58 -41.68 14.51
CA GLY A 979 -29.67 -42.69 15.03
C GLY A 979 -29.80 -42.88 16.52
N TYR A 980 -30.02 -41.80 17.27
CA TYR A 980 -30.17 -41.92 18.72
C TYR A 980 -31.46 -42.65 19.09
N PHE A 981 -32.56 -42.35 18.41
CA PHE A 981 -33.84 -42.96 18.74
C PHE A 981 -34.03 -44.34 18.11
N LEU A 982 -33.21 -44.72 17.13
CA LEU A 982 -33.34 -46.04 16.52
C LEU A 982 -32.81 -47.15 17.42
N THR A 983 -31.86 -46.85 18.30
CA THR A 983 -31.28 -47.87 19.16
C THR A 983 -32.23 -48.36 20.24
N LEU A 984 -33.37 -47.70 20.44
CA LEU A 984 -34.34 -48.11 21.46
C LEU A 984 -35.03 -49.43 21.13
N ALA A 985 -34.92 -49.91 19.89
CA ALA A 985 -35.53 -51.16 19.47
C ALA A 985 -34.53 -52.32 19.49
N GLN A 986 -33.51 -52.23 20.34
CA GLN A 986 -32.49 -53.24 20.44
C GLN A 986 -32.39 -53.75 21.87
N PRO A 987 -32.27 -55.07 22.07
CA PRO A 987 -32.17 -55.61 23.44
C PRO A 987 -30.80 -55.38 24.06
N TRP A 988 -30.57 -54.16 24.56
CA TRP A 988 -29.34 -53.83 25.27
C TRP A 988 -29.66 -53.44 26.70
N PHE A 989 -28.70 -53.70 27.59
CA PHE A 989 -28.85 -53.39 29.01
C PHE A 989 -28.56 -51.92 29.27
N VAL A 990 -29.27 -51.37 30.25
CA VAL A 990 -29.11 -49.95 30.60
C VAL A 990 -27.75 -49.76 31.29
N PRO A 991 -26.93 -48.81 30.86
CA PRO A 991 -25.64 -48.58 31.53
C PRO A 991 -25.83 -48.03 32.93
N LEU A 992 -24.82 -48.25 33.76
CA LEU A 992 -24.82 -47.80 35.15
C LEU A 992 -24.62 -46.29 35.17
N ASN A 993 -25.71 -45.55 35.24
CA ASN A 993 -25.65 -44.09 35.27
C ASN A 993 -26.40 -43.48 36.46
N ARG A 994 -27.52 -44.07 36.86
CA ARG A 994 -28.30 -43.53 37.97
C ARG A 994 -27.90 -44.11 39.31
N THR A 995 -27.41 -45.34 39.34
CA THR A 995 -26.97 -45.98 40.57
C THR A 995 -25.53 -45.55 40.87
N VAL A 996 -24.91 -46.20 41.87
CA VAL A 996 -23.54 -45.86 42.23
C VAL A 996 -22.59 -46.41 41.18
N ALA A 997 -21.70 -45.55 40.68
CA ALA A 997 -20.74 -45.90 39.64
C ALA A 997 -19.73 -44.76 39.53
N ALA A 998 -18.83 -44.88 38.56
CA ALA A 998 -17.84 -43.85 38.31
C ALA A 998 -18.23 -43.08 37.06
N PRO A 999 -18.65 -41.82 37.17
CA PRO A 999 -19.07 -41.07 35.98
C PRO A 999 -17.92 -40.51 35.14
N ASP A 1000 -16.69 -40.57 35.64
CA ASP A 1000 -15.56 -40.04 34.87
C ASP A 1000 -15.33 -40.83 33.58
N ASN A 1001 -15.43 -42.15 33.64
CA ASN A 1001 -15.27 -43.02 32.48
C ASN A 1001 -16.38 -44.04 32.46
N LEU A 1002 -17.18 -44.03 31.40
CA LEU A 1002 -18.29 -44.97 31.23
C LEU A 1002 -18.31 -45.41 29.77
N PRO A 1003 -17.63 -46.50 29.43
CA PRO A 1003 -17.69 -47.00 28.05
C PRO A 1003 -18.93 -47.83 27.78
N ASN A 1004 -20.06 -47.18 27.53
CA ASN A 1004 -21.29 -47.89 27.24
C ASN A 1004 -21.55 -47.87 25.73
N TYR A 1005 -22.59 -48.60 25.33
CA TYR A 1005 -22.94 -48.68 23.91
C TYR A 1005 -23.40 -47.33 23.37
N GLU A 1006 -24.16 -46.58 24.17
CA GLU A 1006 -24.67 -45.28 23.71
C GLU A 1006 -23.53 -44.31 23.42
N ASN A 1007 -22.54 -44.23 24.32
CA ASN A 1007 -21.41 -43.35 24.09
C ASN A 1007 -20.62 -43.77 22.86
N THR A 1008 -20.42 -45.08 22.68
CA THR A 1008 -19.69 -45.57 21.52
C THR A 1008 -20.40 -45.21 20.22
N VAL A 1009 -21.71 -45.43 20.16
CA VAL A 1009 -22.45 -45.14 18.92
C VAL A 1009 -22.51 -43.63 18.68
N VAL A 1010 -22.63 -42.82 19.74
CA VAL A 1010 -22.63 -41.37 19.57
C VAL A 1010 -21.28 -40.90 19.04
N PHE A 1011 -20.18 -41.43 19.59
CA PHE A 1011 -18.86 -41.05 19.11
C PHE A 1011 -18.66 -41.47 17.66
N SER A 1012 -19.12 -42.67 17.30
CA SER A 1012 -19.00 -43.12 15.92
C SER A 1012 -19.80 -42.23 14.98
N LEU A 1013 -21.02 -41.85 15.38
CA LEU A 1013 -21.84 -40.97 14.54
C LEU A 1013 -21.20 -39.59 14.41
N SER A 1014 -20.63 -39.08 15.50
CA SER A 1014 -19.96 -37.77 15.43
C SER A 1014 -18.74 -37.82 14.52
N SER A 1015 -17.96 -38.90 14.60
CA SER A 1015 -16.80 -39.04 13.72
C SER A 1015 -17.22 -39.16 12.25
N PHE A 1016 -18.30 -39.91 11.99
CA PHE A 1016 -18.81 -40.01 10.62
C PHE A 1016 -19.30 -38.67 10.11
N GLN A 1017 -19.95 -37.90 10.99
CA GLN A 1017 -20.40 -36.56 10.60
C GLN A 1017 -19.21 -35.66 10.29
N TYR A 1018 -18.15 -35.74 11.11
CA TYR A 1018 -16.95 -34.96 10.83
C TYR A 1018 -16.36 -35.35 9.48
N LEU A 1019 -16.28 -36.65 9.20
CA LEU A 1019 -15.70 -37.10 7.93
C LEU A 1019 -16.54 -36.63 6.75
N ILE A 1020 -17.86 -36.75 6.84
CA ILE A 1020 -18.71 -36.36 5.72
C ILE A 1020 -18.67 -34.84 5.53
N LEU A 1021 -18.60 -34.07 6.62
CA LEU A 1021 -18.48 -32.62 6.48
C LEU A 1021 -17.17 -32.24 5.82
N ALA A 1022 -16.06 -32.88 6.24
CA ALA A 1022 -14.78 -32.63 5.60
C ALA A 1022 -14.76 -33.04 4.14
N ALA A 1023 -15.53 -34.05 3.76
CA ALA A 1023 -15.59 -34.49 2.36
C ALA A 1023 -16.48 -33.61 1.50
N ALA A 1024 -17.62 -33.15 2.04
CA ALA A 1024 -18.61 -32.45 1.25
C ALA A 1024 -18.52 -30.93 1.39
N VAL A 1025 -17.55 -30.45 2.18
CA VAL A 1025 -17.24 -29.03 2.33
C VAL A 1025 -16.81 -28.37 1.03
N SER A 1026 -16.32 -29.14 0.07
CA SER A 1026 -15.88 -28.57 -1.20
C SER A 1026 -17.06 -27.96 -1.95
N LYS A 1027 -16.74 -27.18 -2.98
CA LYS A 1027 -17.76 -26.47 -3.74
C LYS A 1027 -17.29 -26.39 -5.19
N GLY A 1028 -17.91 -25.50 -5.97
CA GLY A 1028 -17.59 -25.36 -7.37
C GLY A 1028 -16.55 -24.29 -7.62
N ALA A 1029 -16.99 -23.15 -8.15
CA ALA A 1029 -16.12 -22.02 -8.50
C ALA A 1029 -14.98 -22.48 -9.39
N PRO A 1030 -15.25 -22.78 -10.67
CA PRO A 1030 -14.21 -23.32 -11.55
C PRO A 1030 -13.06 -22.36 -11.85
N PHE A 1031 -13.06 -21.15 -11.27
CA PHE A 1031 -11.94 -20.24 -11.48
C PHE A 1031 -10.66 -20.78 -10.88
N ARG A 1032 -10.76 -21.62 -9.84
CA ARG A 1032 -9.59 -22.24 -9.22
C ARG A 1032 -9.32 -23.59 -9.88
N ARG A 1033 -8.43 -24.37 -9.30
CA ARG A 1033 -8.12 -25.69 -9.83
C ARG A 1033 -9.31 -26.62 -9.67
N PRO A 1034 -9.47 -27.60 -10.57
CA PRO A 1034 -10.59 -28.54 -10.46
C PRO A 1034 -10.45 -29.42 -9.23
N LEU A 1035 -11.57 -30.07 -8.89
CA LEU A 1035 -11.61 -30.94 -7.72
C LEU A 1035 -10.64 -32.11 -7.85
N TYR A 1036 -10.56 -32.72 -9.03
CA TYR A 1036 -9.68 -33.86 -9.26
C TYR A 1036 -8.24 -33.42 -9.54
N THR A 1037 -7.69 -32.60 -8.66
CA THR A 1037 -6.32 -32.11 -8.81
C THR A 1037 -5.47 -32.36 -7.57
N ASN A 1038 -6.05 -32.22 -6.38
CA ASN A 1038 -5.30 -32.40 -5.14
C ASN A 1038 -5.22 -33.89 -4.82
N VAL A 1039 -4.26 -34.56 -5.45
CA VAL A 1039 -4.04 -35.98 -5.20
C VAL A 1039 -3.68 -36.26 -3.74
N PRO A 1040 -2.78 -35.50 -3.10
CA PRO A 1040 -2.53 -35.76 -1.66
C PRO A 1040 -3.78 -35.64 -0.81
N PHE A 1041 -4.64 -34.67 -1.09
CA PHE A 1041 -5.89 -34.55 -0.34
C PHE A 1041 -6.78 -35.76 -0.54
N LEU A 1042 -6.87 -36.24 -1.79
CA LEU A 1042 -7.70 -37.41 -2.09
C LEU A 1042 -7.18 -38.64 -1.37
N VAL A 1043 -5.86 -38.86 -1.40
CA VAL A 1043 -5.32 -40.05 -0.75
C VAL A 1043 -5.43 -39.93 0.78
N ALA A 1044 -5.31 -38.71 1.32
CA ALA A 1044 -5.51 -38.54 2.76
C ALA A 1044 -6.96 -38.84 3.14
N LEU A 1045 -7.91 -38.38 2.34
CA LEU A 1045 -9.32 -38.69 2.61
C LEU A 1045 -9.57 -40.19 2.51
N ALA A 1046 -8.98 -40.85 1.51
CA ALA A 1046 -9.15 -42.29 1.37
C ALA A 1046 -8.57 -43.03 2.58
N LEU A 1047 -7.39 -42.62 3.04
CA LEU A 1047 -6.79 -43.24 4.22
C LEU A 1047 -7.64 -43.01 5.45
N LEU A 1048 -8.18 -41.81 5.61
CA LEU A 1048 -9.05 -41.52 6.75
C LEU A 1048 -10.30 -42.40 6.72
N SER A 1049 -10.90 -42.55 5.54
CA SER A 1049 -12.08 -43.41 5.41
C SER A 1049 -11.73 -44.85 5.73
N SER A 1050 -10.58 -45.33 5.23
CA SER A 1050 -10.18 -46.71 5.48
C SER A 1050 -9.95 -46.97 6.96
N VAL A 1051 -9.24 -46.06 7.64
CA VAL A 1051 -8.98 -46.26 9.06
C VAL A 1051 -10.27 -46.13 9.87
N LEU A 1052 -11.18 -45.24 9.46
CA LEU A 1052 -12.46 -45.13 10.16
C LEU A 1052 -13.28 -46.41 10.02
N VAL A 1053 -13.28 -47.00 8.82
CA VAL A 1053 -13.99 -48.27 8.62
C VAL A 1053 -13.34 -49.38 9.45
N GLY A 1054 -12.01 -49.45 9.44
CA GLY A 1054 -11.32 -50.50 10.17
C GLY A 1054 -11.36 -50.36 11.67
N LEU A 1055 -11.62 -49.15 12.18
CA LEU A 1055 -11.69 -48.96 13.62
C LEU A 1055 -12.86 -49.72 14.23
N VAL A 1056 -13.92 -49.95 13.46
CA VAL A 1056 -15.10 -50.64 13.98
C VAL A 1056 -15.43 -51.91 13.23
N LEU A 1057 -14.85 -52.15 12.05
CA LEU A 1057 -15.19 -53.35 11.29
C LEU A 1057 -14.42 -54.57 11.78
N VAL A 1058 -13.09 -54.50 11.74
CA VAL A 1058 -12.27 -55.65 12.14
C VAL A 1058 -12.39 -55.86 13.65
N PRO A 1059 -12.44 -57.11 14.13
CA PRO A 1059 -12.47 -57.34 15.57
C PRO A 1059 -11.08 -57.36 16.20
N GLY A 1060 -10.08 -56.85 15.46
CA GLY A 1060 -8.73 -56.87 15.96
C GLY A 1060 -8.55 -56.00 17.19
N LEU A 1061 -7.43 -56.23 17.89
CA LEU A 1061 -7.15 -55.54 19.14
C LEU A 1061 -6.75 -54.09 18.89
N LEU A 1062 -7.74 -53.18 18.92
CA LEU A 1062 -7.48 -51.76 18.75
C LEU A 1062 -8.20 -50.89 19.77
N GLN A 1063 -9.28 -51.36 20.38
CA GLN A 1063 -10.07 -50.57 21.32
C GLN A 1063 -9.72 -50.86 22.77
N GLY A 1064 -8.60 -51.51 23.03
CA GLY A 1064 -8.17 -51.80 24.38
C GLY A 1064 -7.95 -50.55 25.20
N PRO A 1065 -6.92 -49.77 24.86
CA PRO A 1065 -6.73 -48.47 25.52
C PRO A 1065 -7.78 -47.44 25.13
N LEU A 1066 -8.48 -47.63 24.02
CA LEU A 1066 -9.50 -46.68 23.60
C LEU A 1066 -10.76 -46.78 24.46
N ALA A 1067 -11.05 -47.97 24.99
CA ALA A 1067 -12.23 -48.23 25.81
C ALA A 1067 -13.51 -47.87 25.04
N LEU A 1068 -13.69 -48.56 23.91
CA LEU A 1068 -14.85 -48.35 23.05
C LEU A 1068 -15.97 -49.35 23.29
N ARG A 1069 -15.71 -50.41 24.06
CA ARG A 1069 -16.71 -51.44 24.37
C ARG A 1069 -17.27 -52.07 23.10
N ASN A 1070 -16.40 -52.77 22.39
CA ASN A 1070 -16.79 -53.44 21.15
C ASN A 1070 -17.94 -54.42 21.41
N ILE A 1071 -18.93 -54.39 20.52
CA ILE A 1071 -20.13 -55.20 20.68
C ILE A 1071 -20.20 -56.22 19.55
N THR A 1072 -20.61 -57.44 19.89
CA THR A 1072 -20.76 -58.52 18.92
C THR A 1072 -22.03 -58.31 18.08
N ASP A 1073 -22.03 -57.20 17.34
CA ASP A 1073 -23.19 -56.80 16.56
C ASP A 1073 -23.18 -57.49 15.21
N THR A 1074 -24.37 -57.88 14.74
CA THR A 1074 -24.47 -58.65 13.52
C THR A 1074 -25.31 -57.94 12.46
N GLY A 1075 -26.44 -57.37 12.87
CA GLY A 1075 -27.36 -56.79 11.91
C GLY A 1075 -27.41 -55.27 11.89
N PHE A 1076 -26.96 -54.63 12.98
CA PHE A 1076 -26.98 -53.18 13.07
C PHE A 1076 -25.93 -52.51 12.21
N LYS A 1077 -24.83 -53.21 11.91
CA LYS A 1077 -23.79 -52.64 11.05
C LYS A 1077 -24.32 -52.38 9.65
N LEU A 1078 -25.15 -53.29 9.13
CA LEU A 1078 -25.72 -53.09 7.80
C LEU A 1078 -26.61 -51.83 7.77
N LEU A 1079 -27.42 -51.65 8.81
CA LEU A 1079 -28.27 -50.46 8.87
C LEU A 1079 -27.43 -49.19 9.02
N LEU A 1080 -26.35 -49.26 9.80
CA LEU A 1080 -25.46 -48.10 9.95
C LEU A 1080 -24.82 -47.74 8.62
N LEU A 1081 -24.36 -48.74 7.87
CA LEU A 1081 -23.80 -48.49 6.55
C LEU A 1081 -24.84 -47.94 5.58
N GLY A 1082 -26.07 -48.46 5.60
CA GLY A 1082 -27.11 -47.89 4.76
C GLY A 1082 -27.40 -46.44 5.10
N LEU A 1083 -27.47 -46.12 6.40
CA LEU A 1083 -27.70 -44.74 6.81
C LEU A 1083 -26.56 -43.82 6.41
N VAL A 1084 -25.31 -44.28 6.56
CA VAL A 1084 -24.19 -43.43 6.18
C VAL A 1084 -24.13 -43.24 4.66
N THR A 1085 -24.50 -44.26 3.89
CA THR A 1085 -24.55 -44.09 2.44
C THR A 1085 -25.66 -43.13 2.03
N LEU A 1086 -26.82 -43.21 2.71
CA LEU A 1086 -27.89 -42.26 2.44
C LEU A 1086 -27.47 -40.84 2.77
N ASN A 1087 -26.78 -40.65 3.90
CA ASN A 1087 -26.26 -39.32 4.25
C ASN A 1087 -25.25 -38.84 3.21
N PHE A 1088 -24.39 -39.74 2.73
CA PHE A 1088 -23.40 -39.36 1.73
C PHE A 1088 -24.06 -38.92 0.43
N VAL A 1089 -25.09 -39.65 -0.01
CA VAL A 1089 -25.75 -39.29 -1.26
C VAL A 1089 -26.72 -38.12 -1.08
N GLY A 1090 -27.09 -37.79 0.15
CA GLY A 1090 -27.95 -36.64 0.38
C GLY A 1090 -27.20 -35.33 0.57
N ALA A 1091 -26.04 -35.38 1.22
CA ALA A 1091 -25.25 -34.18 1.46
C ALA A 1091 -24.76 -33.58 0.15
N PHE A 1092 -24.33 -34.42 -0.79
CA PHE A 1092 -23.88 -33.92 -2.09
C PHE A 1092 -25.02 -33.24 -2.83
N MET A 1093 -26.20 -33.85 -2.82
CA MET A 1093 -27.36 -33.24 -3.47
C MET A 1093 -27.73 -31.92 -2.82
N LEU A 1094 -27.69 -31.87 -1.49
CA LEU A 1094 -28.02 -30.62 -0.79
C LEU A 1094 -27.02 -29.52 -1.14
N GLU A 1095 -25.73 -29.86 -1.19
CA GLU A 1095 -24.70 -28.88 -1.50
C GLU A 1095 -24.70 -28.47 -2.98
N SER A 1096 -25.18 -29.33 -3.88
CA SER A 1096 -25.16 -29.03 -5.30
C SER A 1096 -26.44 -28.38 -5.80
N VAL A 1097 -27.56 -28.56 -5.10
CA VAL A 1097 -28.81 -27.97 -5.57
C VAL A 1097 -28.88 -26.48 -5.26
N LEU A 1098 -28.01 -26.02 -4.36
CA LEU A 1098 -28.01 -24.62 -3.95
C LEU A 1098 -26.99 -23.77 -4.70
N ASP A 1099 -26.30 -24.35 -5.69
CA ASP A 1099 -25.31 -23.57 -6.45
C ASP A 1099 -25.97 -22.44 -7.24
N GLN A 1100 -27.14 -22.69 -7.82
CA GLN A 1100 -27.83 -21.67 -8.59
C GLN A 1100 -28.46 -20.62 -7.67
N CYS A 1101 -28.66 -19.43 -8.22
CA CYS A 1101 -29.24 -18.32 -7.48
C CYS A 1101 -30.37 -17.68 -8.27
N LEU A 1102 -31.10 -18.48 -9.04
CA LEU A 1102 -32.27 -17.94 -9.74
C LEU A 1102 -33.33 -17.38 -8.79
N PRO A 1103 -33.67 -18.02 -7.67
CA PRO A 1103 -34.60 -17.39 -6.73
C PRO A 1103 -34.10 -16.07 -6.17
N ALA A 1104 -32.78 -15.90 -6.00
CA ALA A 1104 -32.24 -14.65 -5.50
C ALA A 1104 -32.58 -13.47 -6.42
N CYS A 1105 -32.43 -13.66 -7.73
CA CYS A 1105 -32.78 -12.60 -8.67
C CYS A 1105 -34.27 -12.58 -8.99
N LEU A 1106 -35.00 -13.64 -8.65
CA LEU A 1106 -36.44 -13.65 -8.88
C LEU A 1106 -37.17 -12.75 -7.88
N ARG A 1107 -36.59 -12.52 -6.71
CA ARG A 1107 -37.21 -11.69 -5.68
C ARG A 1107 -36.63 -10.29 -5.62
N ARG A 1108 -35.32 -10.14 -5.80
CA ARG A 1108 -34.64 -8.85 -5.72
C ARG A 1108 -34.69 -8.19 -7.09
N LEU A 1109 -35.76 -7.43 -7.35
CA LEU A 1109 -35.89 -6.70 -8.59
C LEU A 1109 -36.84 -5.53 -8.38
N ARG A 1110 -36.49 -4.38 -8.95
CA ARG A 1110 -35.25 -4.15 -9.70
C ARG A 1110 -34.04 -3.87 -8.80
N PRO A 1111 -34.14 -2.99 -7.80
CA PRO A 1111 -33.01 -2.78 -6.90
C PRO A 1111 -32.68 -4.05 -6.12
N LYS A 1112 -31.39 -4.25 -5.87
CA LYS A 1112 -30.91 -5.42 -5.14
C LYS A 1112 -30.03 -5.06 -3.96
N ARG A 1113 -29.25 -4.00 -4.06
CA ARG A 1113 -28.31 -3.62 -3.00
C ARG A 1113 -28.87 -2.43 -2.23
N ALA A 1114 -28.81 -2.51 -0.90
CA ALA A 1114 -29.24 -1.43 -0.03
C ALA A 1114 -28.10 -0.50 0.37
N SER A 1115 -26.94 -0.64 -0.28
CA SER A 1115 -25.77 0.17 0.03
C SER A 1115 -24.99 0.38 -1.27
N LYS A 1116 -23.73 0.78 -1.17
CA LYS A 1116 -22.86 1.01 -2.31
C LYS A 1116 -23.46 2.08 -3.24
N LYS A 1117 -23.50 3.30 -2.69
CA LYS A 1117 -24.11 4.43 -3.40
C LYS A 1117 -23.39 4.78 -4.69
N ARG A 1118 -22.18 4.27 -4.91
CA ARG A 1118 -21.51 4.47 -6.19
C ARG A 1118 -22.31 3.83 -7.32
N PHE A 1119 -22.90 2.66 -7.07
CA PHE A 1119 -23.76 2.04 -8.07
C PHE A 1119 -24.99 2.90 -8.35
N LYS A 1120 -25.57 3.51 -7.32
CA LYS A 1120 -26.71 4.40 -7.52
C LYS A 1120 -26.30 5.62 -8.35
N GLN A 1121 -25.13 6.18 -8.08
CA GLN A 1121 -24.63 7.31 -8.86
C GLN A 1121 -24.43 6.90 -10.32
N LEU A 1122 -23.86 5.72 -10.55
CA LEU A 1122 -23.64 5.25 -11.91
C LEU A 1122 -24.96 5.06 -12.65
N GLU A 1123 -25.95 4.43 -12.00
CA GLU A 1123 -27.23 4.17 -12.65
C GLU A 1123 -28.03 5.45 -12.87
N ARG A 1124 -27.91 6.44 -12.00
CA ARG A 1124 -28.55 7.72 -12.25
C ARG A 1124 -27.81 8.55 -13.29
N GLU A 1125 -26.50 8.32 -13.46
CA GLU A 1125 -25.76 9.03 -14.51
C GLU A 1125 -26.05 8.44 -15.88
N LEU A 1126 -26.19 7.12 -15.98
CA LEU A 1126 -26.48 6.49 -17.27
C LEU A 1126 -27.94 6.58 -17.67
N ALA A 1127 -28.82 7.04 -16.77
CA ALA A 1127 -30.23 7.17 -17.10
C ALA A 1127 -30.45 8.22 -18.18
N GLU A 1128 -29.76 9.35 -18.10
CA GLU A 1128 -29.92 10.42 -19.08
C GLU A 1128 -28.96 10.29 -20.25
N GLN A 1129 -28.03 9.34 -20.22
CA GLN A 1129 -27.08 9.15 -21.30
C GLN A 1129 -26.96 7.68 -21.67
N1 SPM B . -9.36 -38.34 31.95
C2 SPM B . -10.59 -37.76 31.41
C3 SPM B . -10.42 -36.25 31.33
C4 SPM B . -11.73 -35.62 30.84
N5 SPM B . -11.52 -35.09 29.49
C6 SPM B . -12.18 -33.78 29.47
C7 SPM B . -12.48 -33.40 28.03
C8 SPM B . -13.22 -32.07 28.03
C9 SPM B . -13.84 -31.83 26.65
N10 SPM B . -13.65 -30.43 26.26
C11 SPM B . -13.73 -30.29 24.80
C12 SPM B . -12.68 -29.29 24.36
C13 SPM B . -12.92 -28.98 22.90
N14 SPM B . -11.62 -29.02 22.21
HN11 SPM B . -9.52 -39.34 32.00
HN12 SPM B . -8.65 -38.20 31.26
H21 SPM B . -10.76 -38.15 30.40
H22 SPM B . -11.44 -38.00 32.05
H31 SPM B . -10.18 -35.86 32.32
H32 SPM B . -9.63 -36.01 30.63
H41 SPM B . -12.51 -36.38 30.82
H42 SPM B . -12.01 -34.82 31.52
HN5 SPM B . -12.03 -35.68 28.86
H61 SPM B . -13.11 -33.83 30.03
H62 SPM B . -11.51 -33.03 29.91
H71 SPM B . -11.56 -33.33 27.47
H72 SPM B . -13.12 -34.16 27.58
H81 SPM B . -14.01 -32.10 28.77
H82 SPM B . -12.52 -31.27 28.28
H91 SPM B . -13.37 -32.50 25.94
H92 SPM B . -14.91 -32.05 26.69
HN0 SPM B . -12.72 -30.15 26.52
H111 SPM B . -13.56 -31.25 24.32
H112 SPM B . -14.72 -29.92 24.52
H121 SPM B . -12.74 -28.38 24.95
H122 SPM B . -11.68 -29.72 24.45
H131 SPM B . -13.36 -27.99 22.80
H132 SPM B . -13.59 -29.72 22.48
HN41 SPM B . -10.99 -28.47 22.76
HN42 SPM B . -11.75 -28.55 21.33
MG MG C . 8.46 6.25 -11.38
BE BEF D . 5.53 9.40 -11.55
F1 BEF D . 6.68 8.65 -10.97
F2 BEF D . 5.39 9.50 -13.02
F3 BEF D . 4.45 9.87 -10.67
#